data_3DXV
#
_entry.id   3DXV
#
_cell.length_a   56.547
_cell.length_b   61.063
_cell.length_c   105.227
_cell.angle_alpha   90.00
_cell.angle_beta   103.22
_cell.angle_gamma   90.00
#
_symmetry.space_group_name_H-M   'P 1 21 1'
#
loop_
_entity.id
_entity.type
_entity.pdbx_description
1 polymer 'Alpha-amino-epsilon-caprolactam racemase'
2 non-polymer "PYRIDOXAL-5'-PHOSPHATE"
3 water water
#
_entity_poly.entity_id   1
_entity_poly.type   'polypeptide(L)'
_entity_poly.pdbx_seq_one_letter_code
;GSHMTKALYDRDGAAIGNLQKLRFFPLAISGGRGARLIEENGRELIDLSGAWGAASLGYGHPAIVAAVSAAAANPAGATI
LSASNAPAVTLAERLLASFPGEGTHKIWFGHSGSDANEAAYRAIVKATGRSGVIAFAGAYHGCTVGSMAFSGHSVQADAA
KADGLILLPYPDPYRPYRNDPTGDAILTLLTEKLAAVPAGSIGAAFIEPIQSDGGLIVPPDGFLRKFADICRAHGILVVC
DEVKVGLARSGRLHCFEHEGFVPDILVLGKGLGGGLPLSAVIAPAEILDCASAFAMQTLHGNPISAAAGLAVLETIDRDD
LPAMAERKGRLLRDGLSELAKRHPLIGDIRGRGLACGMELVCDRQSREPARAETAKLIYRAYQLGLVVYYVGMNGNVLEF
TPPLTITETDIHKALDLLDRAFSELSAVSNEEIAQFAGW
;
_entity_poly.pdbx_strand_id   A,B
#
loop_
_chem_comp.id
_chem_comp.type
_chem_comp.name
_chem_comp.formula
PLP non-polymer PYRIDOXAL-5'-PHOSPHATE 'C8 H10 N O6 P'
#
# COMPACT_ATOMS: atom_id res chain seq x y z
N LYS A 6 2.87 18.05 26.28
CA LYS A 6 3.67 18.14 25.02
C LYS A 6 2.74 18.54 23.86
N ALA A 7 3.25 19.40 22.98
CA ALA A 7 2.48 19.81 21.79
C ALA A 7 2.42 18.65 20.77
N LEU A 8 1.35 18.62 19.97
CA LEU A 8 1.19 17.53 19.00
C LEU A 8 2.38 17.43 18.06
N TYR A 9 2.85 18.59 17.57
CA TYR A 9 4.00 18.63 16.67
C TYR A 9 5.29 18.16 17.33
N ASP A 10 5.44 18.44 18.62
CA ASP A 10 6.59 17.94 19.35
C ASP A 10 6.51 16.44 19.62
N ARG A 11 5.31 15.95 19.93
CA ARG A 11 5.06 14.51 20.06
C ARG A 11 5.42 13.75 18.78
N ASP A 12 5.08 14.35 17.63
CA ASP A 12 5.32 13.82 16.29
C ASP A 12 6.82 13.63 16.05
N GLY A 13 7.59 14.67 16.33
CA GLY A 13 9.04 14.61 16.17
C GLY A 13 9.68 13.51 17.00
N ALA A 14 9.06 13.18 18.13
CA ALA A 14 9.61 12.20 19.06
C ALA A 14 9.20 10.77 18.69
N ALA A 15 7.96 10.60 18.25
CA ALA A 15 7.39 9.27 17.93
C ALA A 15 7.64 8.79 16.49
N ILE A 16 7.66 9.72 15.52
CA ILE A 16 7.66 9.35 14.11
C ILE A 16 8.95 9.77 13.41
N GLY A 17 9.59 8.81 12.74
CA GLY A 17 10.88 9.03 12.08
C GLY A 17 10.81 9.97 10.88
N ASN A 18 11.94 10.58 10.54
CA ASN A 18 12.02 11.56 9.44
C ASN A 18 11.75 10.97 8.05
N LEU A 19 12.01 9.67 7.91
CA LEU A 19 11.98 8.95 6.65
C LEU A 19 10.79 9.29 5.75
N GLN A 20 9.59 9.34 6.32
CA GLN A 20 8.39 9.63 5.54
C GLN A 20 7.88 11.07 5.65
N LYS A 21 8.65 11.96 6.27
CA LYS A 21 8.20 13.34 6.48
C LYS A 21 8.47 14.29 5.31
N LEU A 22 7.43 15.02 4.92
CA LEU A 22 7.50 16.03 3.86
C LEU A 22 7.01 17.33 4.45
N ARG A 23 7.80 17.88 5.36
CA ARG A 23 7.34 18.96 6.23
C ARG A 23 7.94 20.31 5.82
N PHE A 24 7.09 21.32 5.83
CA PHE A 24 7.46 22.67 5.39
C PHE A 24 7.16 23.68 6.48
N PHE A 25 6.19 23.33 7.34
CA PHE A 25 5.74 24.12 8.48
C PHE A 25 5.13 23.22 9.56
N PRO A 26 4.98 23.70 10.81
CA PRO A 26 4.56 22.80 11.90
C PRO A 26 3.04 22.51 11.97
N LEU A 27 2.46 22.09 10.86
CA LEU A 27 1.03 21.76 10.81
C LEU A 27 0.74 20.51 11.65
N ALA A 28 -0.16 20.65 12.62
CA ALA A 28 -0.45 19.58 13.56
C ALA A 28 -1.95 19.44 13.66
N ILE A 29 -2.48 18.37 13.08
CA ILE A 29 -3.92 18.25 12.88
C ILE A 29 -4.58 17.27 13.84
N SER A 30 -5.82 17.57 14.22
CA SER A 30 -6.62 16.72 15.10
C SER A 30 -8.05 16.59 14.57
N GLY A 31 -8.39 17.35 13.55
CA GLY A 31 -9.74 17.29 13.00
C GLY A 31 -9.87 17.78 11.57
N GLY A 32 -11.09 17.72 11.05
CA GLY A 32 -11.40 18.20 9.71
C GLY A 32 -12.87 18.15 9.41
N ARG A 33 -13.37 19.17 8.70
CA ARG A 33 -14.78 19.27 8.34
C ARG A 33 -14.89 20.01 7.00
N GLY A 34 -15.32 19.29 5.96
CA GLY A 34 -15.33 19.84 4.61
C GLY A 34 -13.92 20.10 4.09
N ALA A 35 -13.64 21.34 3.70
CA ALA A 35 -12.33 21.74 3.20
C ALA A 35 -11.47 22.39 4.27
N ARG A 36 -11.82 22.18 5.53
CA ARG A 36 -11.07 22.80 6.62
C ARG A 36 -10.44 21.79 7.55
N LEU A 37 -9.15 22.00 7.80
CA LEU A 37 -8.41 21.24 8.78
C LEU A 37 -8.45 21.98 10.11
N ILE A 38 -8.68 21.23 11.18
CA ILE A 38 -8.71 21.78 12.52
C ILE A 38 -7.43 21.37 13.24
N GLU A 39 -6.60 22.34 13.58
CA GLU A 39 -5.36 22.10 14.33
C GLU A 39 -5.65 21.76 15.80
N GLU A 40 -4.64 21.22 16.49
CA GLU A 40 -4.75 20.94 17.92
C GLU A 40 -5.07 22.24 18.66
N ASN A 41 -4.28 23.27 18.37
CA ASN A 41 -4.37 24.59 19.00
C ASN A 41 -5.71 25.32 18.81
N GLY A 42 -6.65 24.69 18.11
CA GLY A 42 -8.03 25.21 17.99
C GLY A 42 -8.40 25.81 16.65
N ARG A 43 -7.41 26.30 15.92
CA ARG A 43 -7.61 27.05 14.67
C ARG A 43 -8.10 26.19 13.49
N GLU A 44 -8.97 26.77 12.67
CA GLU A 44 -9.34 26.17 11.39
C GLU A 44 -8.48 26.73 10.25
N LEU A 45 -8.14 25.89 9.29
CA LEU A 45 -7.39 26.33 8.13
C LEU A 45 -8.10 25.86 6.87
N ILE A 46 -8.09 26.69 5.83
CA ILE A 46 -8.58 26.27 4.51
C ILE A 46 -7.51 25.40 3.82
N ASP A 47 -7.91 24.20 3.44
CA ASP A 47 -7.02 23.22 2.83
C ASP A 47 -7.01 23.38 1.30
N LEU A 48 -5.97 23.98 0.75
CA LEU A 48 -5.84 24.08 -0.70
C LEU A 48 -5.05 22.91 -1.26
N SER A 49 -4.59 22.05 -0.36
CA SER A 49 -3.80 20.89 -0.70
C SER A 49 -4.64 19.62 -0.86
N GLY A 50 -5.58 19.43 0.08
CA GLY A 50 -6.41 18.24 0.14
C GLY A 50 -5.60 16.97 0.24
N ALA A 51 -4.55 17.00 1.08
CA ALA A 51 -3.60 15.89 1.21
C ALA A 51 -3.07 15.47 -0.16
N TRP A 52 -2.53 16.47 -0.87
CA TRP A 52 -1.97 16.30 -2.22
C TRP A 52 -3.04 15.81 -3.23
N GLY A 53 -4.31 16.07 -2.92
CA GLY A 53 -5.40 15.68 -3.79
C GLY A 53 -6.15 14.43 -3.37
N ALA A 54 -5.71 13.79 -2.29
CA ALA A 54 -6.35 12.59 -1.77
C ALA A 54 -7.74 12.87 -1.21
N ALA A 55 -7.90 14.03 -0.58
CA ALA A 55 -9.13 14.38 0.10
C ALA A 55 -10.15 15.00 -0.86
N SER A 56 -10.48 14.24 -1.91
CA SER A 56 -11.37 14.67 -3.00
C SER A 56 -12.74 15.18 -2.60
N LEU A 57 -13.33 14.57 -1.57
CA LEU A 57 -14.66 14.92 -1.09
C LEU A 57 -14.58 15.76 0.20
N GLY A 58 -13.37 16.13 0.58
CA GLY A 58 -13.15 16.81 1.84
C GLY A 58 -13.22 15.88 3.03
N TYR A 59 -13.39 16.47 4.21
CA TYR A 59 -13.33 15.75 5.47
C TYR A 59 -14.72 15.60 6.06
N GLY A 60 -15.04 14.38 6.46
CA GLY A 60 -16.35 14.09 7.03
C GLY A 60 -17.53 14.21 6.08
N HIS A 61 -17.28 14.11 4.78
CA HIS A 61 -18.39 14.07 3.82
C HIS A 61 -19.36 12.95 4.17
N PRO A 62 -20.67 13.24 4.20
CA PRO A 62 -21.71 12.28 4.61
C PRO A 62 -21.63 10.94 3.86
N ALA A 63 -21.35 10.99 2.56
CA ALA A 63 -21.28 9.79 1.74
C ALA A 63 -20.12 8.87 2.16
N ILE A 64 -18.99 9.47 2.50
CA ILE A 64 -17.83 8.71 2.96
C ILE A 64 -18.11 8.08 4.33
N VAL A 65 -18.65 8.86 5.26
CA VAL A 65 -19.03 8.37 6.59
C VAL A 65 -20.03 7.22 6.47
N ALA A 66 -21.09 7.40 5.68
CA ALA A 66 -22.11 6.37 5.52
C ALA A 66 -21.56 5.06 4.94
N ALA A 67 -20.74 5.18 3.90
CA ALA A 67 -20.21 4.02 3.18
C ALA A 67 -19.19 3.28 4.03
N VAL A 68 -18.29 4.04 4.65
CA VAL A 68 -17.22 3.49 5.48
C VAL A 68 -17.77 2.82 6.76
N SER A 69 -18.73 3.50 7.43
CA SER A 69 -19.35 3.00 8.66
C SER A 69 -20.09 1.70 8.41
N ALA A 70 -20.90 1.68 7.35
CA ALA A 70 -21.66 0.49 6.96
C ALA A 70 -20.74 -0.68 6.60
N ALA A 71 -19.67 -0.38 5.88
CA ALA A 71 -18.66 -1.39 5.51
C ALA A 71 -17.93 -1.96 6.73
N ALA A 72 -17.51 -1.08 7.64
CA ALA A 72 -16.83 -1.52 8.86
C ALA A 72 -17.74 -2.43 9.69
N ALA A 73 -19.04 -2.17 9.65
CA ALA A 73 -20.04 -2.90 10.43
C ALA A 73 -20.33 -4.30 9.88
N ASN A 74 -20.19 -4.46 8.58
CA ASN A 74 -20.50 -5.72 7.89
C ASN A 74 -19.52 -5.86 6.72
N PRO A 75 -18.25 -6.15 7.01
CA PRO A 75 -17.26 -6.23 5.94
C PRO A 75 -17.31 -7.54 5.16
N ALA A 76 -17.36 -7.43 3.83
CA ALA A 76 -17.28 -8.62 2.97
C ALA A 76 -15.86 -9.16 2.95
N GLY A 77 -15.43 -9.71 4.10
CA GLY A 77 -14.06 -10.18 4.27
C GLY A 77 -13.09 -9.04 4.42
N ALA A 78 -11.86 -9.25 3.97
CA ALA A 78 -10.82 -8.21 4.05
C ALA A 78 -9.93 -8.15 2.81
N THR A 79 -10.20 -9.00 1.82
CA THR A 79 -9.29 -9.12 0.67
C THR A 79 -10.00 -9.40 -0.66
N ILE A 80 -9.29 -9.19 -1.78
CA ILE A 80 -9.77 -9.62 -3.08
C ILE A 80 -8.87 -10.73 -3.62
N LEU A 81 -7.79 -11.03 -2.90
CA LEU A 81 -6.85 -12.08 -3.33
C LEU A 81 -7.45 -13.48 -3.32
N SER A 82 -8.02 -13.87 -2.19
CA SER A 82 -8.38 -15.27 -1.93
C SER A 82 -9.86 -15.49 -1.98
N ALA A 83 -10.60 -14.41 -2.22
CA ALA A 83 -12.04 -14.45 -2.26
C ALA A 83 -12.49 -13.34 -3.16
N SER A 84 -13.60 -13.57 -3.86
CA SER A 84 -14.30 -12.49 -4.51
C SER A 84 -15.10 -11.77 -3.42
N ASN A 85 -15.22 -10.45 -3.52
CA ASN A 85 -16.12 -9.72 -2.60
C ASN A 85 -16.94 -8.64 -3.30
N ALA A 86 -18.20 -8.49 -2.89
CA ALA A 86 -19.19 -7.70 -3.65
C ALA A 86 -18.81 -6.22 -3.83
N PRO A 87 -18.39 -5.53 -2.73
CA PRO A 87 -17.92 -4.14 -2.85
C PRO A 87 -16.82 -3.91 -3.91
N ALA A 88 -15.77 -4.74 -3.89
CA ALA A 88 -14.68 -4.63 -4.86
C ALA A 88 -15.13 -4.88 -6.31
N VAL A 89 -16.02 -5.85 -6.49
CA VAL A 89 -16.54 -6.20 -7.81
C VAL A 89 -17.45 -5.07 -8.29
N THR A 90 -18.30 -4.56 -7.41
CA THR A 90 -19.17 -3.45 -7.74
C THR A 90 -18.36 -2.20 -8.17
N LEU A 91 -17.26 -1.94 -7.45
CA LEU A 91 -16.41 -0.79 -7.78
C LEU A 91 -15.65 -0.99 -9.11
N ALA A 92 -15.16 -2.21 -9.32
CA ALA A 92 -14.50 -2.59 -10.56
C ALA A 92 -15.40 -2.39 -11.79
N GLU A 93 -16.65 -2.86 -11.71
CA GLU A 93 -17.63 -2.73 -12.80
C GLU A 93 -17.94 -1.27 -13.03
N ARG A 94 -18.03 -0.52 -11.92
CA ARG A 94 -18.26 0.92 -11.94
C ARG A 94 -17.12 1.66 -12.67
N LEU A 95 -15.89 1.22 -12.41
CA LEU A 95 -14.72 1.82 -13.05
C LEU A 95 -14.68 1.47 -14.55
N LEU A 96 -15.01 0.23 -14.87
CA LEU A 96 -15.03 -0.23 -16.25
C LEU A 96 -16.11 0.50 -17.05
N ALA A 97 -17.25 0.74 -16.39
CA ALA A 97 -18.34 1.54 -16.96
C ALA A 97 -17.94 2.99 -17.30
N SER A 98 -17.07 3.59 -16.48
CA SER A 98 -16.60 4.97 -16.67
C SER A 98 -15.52 5.12 -17.76
N PHE A 99 -14.99 3.99 -18.23
CA PHE A 99 -13.85 3.98 -19.17
C PHE A 99 -14.30 3.39 -20.50
N PRO A 100 -13.76 3.89 -21.61
CA PRO A 100 -14.13 3.20 -22.87
C PRO A 100 -13.41 1.84 -23.04
N GLY A 101 -13.67 0.89 -22.14
CA GLY A 101 -13.10 -0.48 -22.20
C GLY A 101 -14.05 -1.64 -21.90
N GLU A 102 -15.15 -1.70 -22.66
CA GLU A 102 -16.18 -2.77 -22.55
C GLU A 102 -15.72 -4.05 -23.24
N GLY A 103 -15.58 -5.11 -22.46
CA GLY A 103 -15.08 -6.38 -22.96
C GLY A 103 -13.57 -6.45 -23.10
N THR A 104 -12.93 -5.30 -23.16
CA THR A 104 -11.49 -5.23 -23.43
C THR A 104 -10.63 -5.05 -22.17
N HIS A 105 -11.18 -4.37 -21.17
CA HIS A 105 -10.40 -3.99 -19.99
C HIS A 105 -10.84 -4.67 -18.72
N LYS A 106 -9.91 -4.75 -17.76
CA LYS A 106 -10.20 -5.26 -16.41
C LYS A 106 -9.55 -4.37 -15.32
N ILE A 107 -9.79 -4.69 -14.06
CA ILE A 107 -9.34 -3.87 -12.94
C ILE A 107 -8.36 -4.62 -12.05
N TRP A 108 -7.36 -3.90 -11.55
CA TRP A 108 -6.46 -4.38 -10.51
C TRP A 108 -6.53 -3.36 -9.38
N PHE A 109 -6.75 -3.81 -8.15
CA PHE A 109 -6.83 -2.90 -7.00
C PHE A 109 -5.53 -2.83 -6.21
N GLY A 110 -5.16 -1.62 -5.80
CA GLY A 110 -3.99 -1.43 -4.93
C GLY A 110 -4.25 -0.55 -3.71
N HIS A 111 -3.19 -0.24 -2.99
CA HIS A 111 -3.24 0.65 -1.85
C HIS A 111 -2.90 2.07 -2.26
N SER A 112 -2.10 2.25 -3.31
CA SER A 112 -1.51 3.54 -3.63
C SER A 112 -1.19 3.67 -5.12
N GLY A 113 -0.94 4.89 -5.57
CA GLY A 113 -0.42 5.12 -6.91
C GLY A 113 0.92 4.45 -7.16
N SER A 114 1.77 4.38 -6.14
CA SER A 114 3.05 3.68 -6.27
C SER A 114 2.84 2.20 -6.60
N ASP A 115 2.03 1.49 -5.81
CA ASP A 115 1.89 0.05 -6.05
C ASP A 115 1.15 -0.24 -7.37
N ALA A 116 0.25 0.68 -7.75
CA ALA A 116 -0.50 0.62 -9.00
C ALA A 116 0.39 0.77 -10.24
N ASN A 117 1.24 1.81 -10.26
CA ASN A 117 2.24 1.99 -11.33
C ASN A 117 3.27 0.85 -11.43
N GLU A 118 3.77 0.43 -10.26
CA GLU A 118 4.61 -0.76 -10.15
C GLU A 118 3.96 -1.97 -10.80
N ALA A 119 2.69 -2.23 -10.45
CA ALA A 119 1.93 -3.36 -10.95
C ALA A 119 1.72 -3.30 -12.46
N ALA A 120 1.41 -2.11 -12.97
CA ALA A 120 1.23 -1.90 -14.42
C ALA A 120 2.51 -2.27 -15.17
N TYR A 121 3.65 -1.73 -14.70
CA TYR A 121 4.91 -2.03 -15.33
C TYR A 121 5.27 -3.52 -15.28
N ARG A 122 5.21 -4.14 -14.10
CA ARG A 122 5.46 -5.57 -13.95
C ARG A 122 4.57 -6.41 -14.88
N ALA A 123 3.29 -6.08 -14.95
CA ALA A 123 2.34 -6.81 -15.78
C ALA A 123 2.62 -6.63 -17.27
N ILE A 124 2.93 -5.40 -17.67
CA ILE A 124 3.31 -5.15 -19.07
C ILE A 124 4.51 -6.00 -19.49
N VAL A 125 5.56 -5.99 -18.69
CA VAL A 125 6.78 -6.75 -19.00
C VAL A 125 6.48 -8.26 -19.06
N LYS A 126 5.70 -8.74 -18.09
CA LYS A 126 5.33 -10.14 -18.02
C LYS A 126 4.50 -10.54 -19.21
N ALA A 127 3.56 -9.68 -19.60
CA ALA A 127 2.60 -9.99 -20.65
C ALA A 127 3.21 -9.92 -22.03
N THR A 128 4.11 -8.95 -22.24
CA THR A 128 4.59 -8.62 -23.59
C THR A 128 6.06 -8.98 -23.84
N GLY A 129 6.82 -9.17 -22.77
CA GLY A 129 8.27 -9.36 -22.87
C GLY A 129 9.02 -8.07 -23.23
N ARG A 130 8.28 -6.97 -23.32
CA ARG A 130 8.86 -5.67 -23.66
C ARG A 130 9.13 -4.85 -22.41
N SER A 131 10.39 -4.76 -22.05
CA SER A 131 10.76 -4.16 -20.78
C SER A 131 11.20 -2.69 -20.88
N GLY A 132 11.43 -2.21 -22.10
CA GLY A 132 11.76 -0.80 -22.36
C GLY A 132 10.61 0.17 -22.10
N VAL A 133 10.94 1.38 -21.64
CA VAL A 133 9.94 2.34 -21.18
C VAL A 133 10.25 3.76 -21.65
N ILE A 134 9.20 4.51 -21.95
CA ILE A 134 9.29 5.95 -22.20
C ILE A 134 8.62 6.65 -21.01
N ALA A 135 9.30 7.66 -20.48
CA ALA A 135 8.81 8.46 -19.36
C ALA A 135 9.33 9.86 -19.58
N PHE A 136 8.73 10.83 -18.89
CA PHE A 136 9.16 12.23 -18.98
C PHE A 136 10.05 12.61 -17.82
N ALA A 137 11.05 13.47 -18.07
CA ALA A 137 11.91 14.02 -17.01
C ALA A 137 11.07 14.84 -16.03
N GLY A 138 11.29 14.63 -14.74
CA GLY A 138 10.47 15.28 -13.70
C GLY A 138 9.20 14.53 -13.35
N ALA A 139 8.96 13.40 -14.03
CA ALA A 139 7.80 12.55 -13.79
C ALA A 139 7.79 12.02 -12.36
N TYR A 140 6.59 11.99 -11.77
CA TYR A 140 6.40 11.32 -10.50
C TYR A 140 5.41 10.17 -10.68
N HIS A 141 5.91 8.94 -10.56
CA HIS A 141 5.06 7.75 -10.63
C HIS A 141 4.97 6.97 -9.31
N GLY A 142 5.62 7.50 -8.28
CA GLY A 142 5.57 6.92 -6.94
C GLY A 142 6.93 6.89 -6.25
N CYS A 143 6.92 6.46 -4.99
CA CYS A 143 8.13 6.45 -4.16
C CYS A 143 8.41 5.07 -3.56
N THR A 144 8.50 4.07 -4.44
CA THR A 144 8.93 2.74 -4.06
C THR A 144 9.87 2.28 -5.15
N VAL A 145 10.72 1.31 -4.84
CA VAL A 145 11.70 0.78 -5.80
C VAL A 145 11.05 0.42 -7.15
N GLY A 146 9.87 -0.18 -7.09
CA GLY A 146 9.16 -0.59 -8.30
C GLY A 146 8.59 0.53 -9.16
N SER A 147 8.19 1.62 -8.53
CA SER A 147 7.58 2.74 -9.26
C SER A 147 8.61 3.81 -9.64
N MET A 148 9.72 3.88 -8.91
CA MET A 148 10.82 4.77 -9.28
C MET A 148 11.73 4.10 -10.30
N ALA A 149 11.56 2.80 -10.47
CA ALA A 149 12.29 2.01 -11.46
C ALA A 149 12.50 2.74 -12.80
N PHE A 150 11.48 3.42 -13.31
N PHE A 150 11.47 3.48 -13.22
CA PHE A 150 11.56 4.10 -14.61
CA PHE A 150 11.43 4.27 -14.44
C PHE A 150 10.87 5.47 -14.61
C PHE A 150 11.21 5.76 -14.12
N SER A 151 10.25 6.01 -13.21
CA SER A 151 9.97 7.36 -12.70
C SER A 151 11.22 8.12 -12.32
N GLY A 164 17.08 0.77 -22.08
CA GLY A 164 15.90 0.54 -21.23
C GLY A 164 14.96 1.73 -21.20
N LEU A 165 15.48 2.90 -20.80
CA LEU A 165 14.64 4.08 -20.50
C LEU A 165 14.85 5.16 -21.53
N ILE A 166 13.75 5.64 -22.11
CA ILE A 166 13.78 6.82 -22.94
C ILE A 166 13.12 7.97 -22.17
N LEU A 167 13.95 8.90 -21.69
CA LEU A 167 13.48 10.09 -21.00
C LEU A 167 13.28 11.24 -21.98
N LEU A 168 12.08 11.79 -21.98
CA LEU A 168 11.76 12.97 -22.79
C LEU A 168 11.47 14.16 -21.89
N PRO A 169 11.74 15.37 -22.39
CA PRO A 169 11.24 16.56 -21.72
C PRO A 169 9.71 16.62 -21.77
N TYR A 170 9.10 17.11 -20.70
CA TYR A 170 7.67 17.37 -20.71
C TYR A 170 7.43 18.62 -21.55
N PRO A 171 6.38 18.61 -22.41
CA PRO A 171 6.12 19.78 -23.25
C PRO A 171 5.52 20.90 -22.39
N ASP A 172 6.40 21.77 -21.87
CA ASP A 172 6.01 22.86 -20.99
C ASP A 172 5.89 24.16 -21.81
N PRO A 173 4.67 24.73 -21.94
CA PRO A 173 4.54 25.99 -22.70
C PRO A 173 5.35 27.13 -22.05
N TYR A 174 5.52 27.06 -20.74
CA TYR A 174 6.24 28.09 -20.00
C TYR A 174 7.75 27.99 -20.20
N ARG A 175 8.27 26.78 -20.38
CA ARG A 175 9.70 26.58 -20.69
C ARG A 175 9.90 25.57 -21.83
N PRO A 176 9.86 26.05 -23.09
CA PRO A 176 9.96 25.18 -24.28
C PRO A 176 11.28 24.39 -24.37
N TYR A 177 11.22 23.23 -25.01
CA TYR A 177 12.41 22.43 -25.29
C TYR A 177 12.98 22.81 -26.65
N ARG A 178 14.28 23.02 -26.69
CA ARG A 178 15.03 23.39 -27.90
C ARG A 178 14.42 24.55 -28.67
N ASN A 179 13.98 25.58 -27.95
CA ASN A 179 13.44 26.81 -28.55
C ASN A 179 12.22 26.54 -29.45
N ASP A 180 11.41 25.54 -29.08
CA ASP A 180 10.21 25.20 -29.84
C ASP A 180 8.97 25.16 -28.94
N PRO A 181 8.21 26.28 -28.91
CA PRO A 181 6.99 26.41 -28.13
C PRO A 181 5.92 25.37 -28.44
N THR A 182 5.90 24.86 -29.68
CA THR A 182 4.89 23.88 -30.10
C THR A 182 5.01 22.52 -29.40
N GLY A 183 6.25 22.14 -29.09
CA GLY A 183 6.55 20.84 -28.49
C GLY A 183 6.95 19.82 -29.52
N ASP A 184 6.93 20.24 -30.79
CA ASP A 184 7.22 19.37 -31.92
C ASP A 184 8.68 18.85 -31.94
N ALA A 185 9.60 19.58 -31.32
CA ALA A 185 10.98 19.10 -31.14
C ALA A 185 11.08 17.90 -30.19
N ILE A 186 10.12 17.77 -29.26
CA ILE A 186 10.07 16.59 -28.39
C ILE A 186 9.57 15.33 -29.13
N LEU A 187 8.63 15.50 -30.05
CA LEU A 187 8.14 14.40 -30.90
C LEU A 187 9.18 13.90 -31.88
N THR A 188 10.01 14.84 -32.37
CA THR A 188 11.18 14.53 -33.20
C THR A 188 12.26 13.76 -32.40
N LEU A 189 12.50 14.19 -31.16
CA LEU A 189 13.43 13.47 -30.27
C LEU A 189 12.95 12.02 -30.06
N LEU A 190 11.65 11.86 -29.83
CA LEU A 190 11.02 10.56 -29.60
C LEU A 190 11.21 9.64 -30.80
N THR A 191 10.98 10.21 -31.98
CA THR A 191 11.21 9.54 -33.27
C THR A 191 12.64 9.00 -33.40
N GLU A 192 13.64 9.84 -33.07
CA GLU A 192 15.05 9.43 -33.14
C GLU A 192 15.40 8.35 -32.13
N LYS A 193 14.87 8.48 -30.92
CA LYS A 193 15.15 7.54 -29.84
C LYS A 193 14.59 6.16 -30.17
N LEU A 194 13.38 6.16 -30.73
CA LEU A 194 12.72 4.93 -31.18
C LEU A 194 13.47 4.21 -32.29
N ALA A 195 13.97 4.98 -33.25
CA ALA A 195 14.71 4.42 -34.38
C ALA A 195 16.09 3.92 -33.98
N ALA A 196 16.61 4.46 -32.88
CA ALA A 196 17.95 4.13 -32.39
C ALA A 196 18.04 2.77 -31.67
N VAL A 197 16.89 2.17 -31.42
CA VAL A 197 16.81 0.98 -30.58
C VAL A 197 15.85 0.03 -31.33
N PRO A 198 15.98 -1.30 -31.14
CA PRO A 198 15.15 -2.24 -31.93
C PRO A 198 13.64 -2.04 -31.82
N ALA A 199 12.93 -2.27 -32.93
CA ALA A 199 11.47 -2.31 -32.89
C ALA A 199 11.05 -3.43 -31.94
N GLY A 200 10.01 -3.16 -31.13
CA GLY A 200 9.50 -4.13 -30.17
C GLY A 200 10.33 -4.24 -28.90
N SER A 201 11.18 -3.26 -28.62
CA SER A 201 11.94 -3.28 -27.38
C SER A 201 11.30 -2.45 -26.26
N ILE A 202 10.53 -1.42 -26.64
CA ILE A 202 9.79 -0.57 -25.70
C ILE A 202 8.35 -1.07 -25.55
N GLY A 203 7.96 -1.43 -24.34
CA GLY A 203 6.59 -1.92 -24.10
C GLY A 203 5.57 -0.87 -23.68
N ALA A 204 6.02 0.23 -23.10
CA ALA A 204 5.11 1.18 -22.48
C ALA A 204 5.62 2.62 -22.48
N ALA A 205 4.70 3.56 -22.63
CA ALA A 205 4.99 4.97 -22.37
C ALA A 205 4.16 5.40 -21.16
N PHE A 206 4.81 6.01 -20.17
CA PHE A 206 4.15 6.50 -18.96
C PHE A 206 4.00 7.99 -19.08
N ILE A 207 2.76 8.47 -19.03
CA ILE A 207 2.45 9.88 -19.17
C ILE A 207 1.65 10.39 -17.98
N GLU A 208 1.88 11.64 -17.62
CA GLU A 208 0.98 12.38 -16.77
C GLU A 208 0.35 13.43 -17.67
N PRO A 209 -1.00 13.44 -17.79
CA PRO A 209 -1.69 14.37 -18.69
C PRO A 209 -1.64 15.83 -18.20
N ILE A 210 -1.26 16.00 -16.94
CA ILE A 210 -0.81 17.26 -16.37
C ILE A 210 0.34 16.84 -15.47
N GLN A 211 1.52 17.40 -15.65
CA GLN A 211 2.63 16.97 -14.81
C GLN A 211 2.50 17.48 -13.38
N SER A 212 2.67 16.59 -12.41
CA SER A 212 2.49 16.96 -11.00
C SER A 212 3.77 17.54 -10.40
N ASP A 213 4.70 16.67 -10.01
CA ASP A 213 5.96 17.08 -9.40
C ASP A 213 6.73 18.07 -10.26
N GLY A 214 6.54 17.98 -11.58
CA GLY A 214 7.14 18.94 -12.52
C GLY A 214 6.66 20.37 -12.34
N GLY A 215 5.48 20.53 -11.74
CA GLY A 215 4.98 21.87 -11.40
C GLY A 215 3.62 22.18 -12.02
N LEU A 216 2.68 21.25 -11.87
CA LEU A 216 1.32 21.32 -12.44
C LEU A 216 1.28 21.85 -13.88
N ILE A 217 2.12 21.27 -14.73
CA ILE A 217 2.25 21.72 -16.11
C ILE A 217 1.25 21.05 -17.05
N VAL A 218 0.32 21.85 -17.58
CA VAL A 218 -0.54 21.42 -18.67
C VAL A 218 0.26 21.48 -19.98
N PRO A 219 0.33 20.36 -20.72
CA PRO A 219 1.11 20.33 -21.96
C PRO A 219 0.48 21.21 -23.05
N PRO A 220 1.28 21.65 -24.04
CA PRO A 220 0.69 22.42 -25.12
C PRO A 220 -0.37 21.62 -25.84
N ASP A 221 -1.30 22.34 -26.43
CA ASP A 221 -2.47 21.75 -27.02
C ASP A 221 -2.07 20.84 -28.18
N GLY A 222 -2.65 19.65 -28.20
CA GLY A 222 -2.41 18.71 -29.28
C GLY A 222 -1.23 17.78 -29.10
N PHE A 223 -0.31 18.10 -28.20
CA PHE A 223 0.91 17.30 -28.01
C PHE A 223 0.66 15.82 -27.70
N LEU A 224 -0.15 15.55 -26.68
CA LEU A 224 -0.36 14.18 -26.18
C LEU A 224 -1.08 13.26 -27.14
N ARG A 225 -2.04 13.82 -27.90
CA ARG A 225 -2.73 13.11 -28.97
C ARG A 225 -1.69 12.61 -29.96
N LYS A 226 -0.82 13.52 -30.38
CA LYS A 226 0.26 13.21 -31.30
C LYS A 226 1.27 12.22 -30.72
N PHE A 227 1.63 12.43 -29.46
CA PHE A 227 2.48 11.49 -28.72
C PHE A 227 1.90 10.07 -28.73
N ALA A 228 0.62 9.95 -28.40
CA ALA A 228 -0.06 8.66 -28.37
C ALA A 228 -0.10 7.98 -29.74
N ASP A 229 -0.36 8.77 -30.79
CA ASP A 229 -0.30 8.31 -32.18
C ASP A 229 1.03 7.60 -32.48
N ILE A 230 2.14 8.29 -32.19
CA ILE A 230 3.48 7.75 -32.41
C ILE A 230 3.68 6.43 -31.66
N CYS A 231 3.28 6.38 -30.39
CA CYS A 231 3.33 5.16 -29.61
C CYS A 231 2.58 3.99 -30.27
N ARG A 232 1.34 4.23 -30.69
CA ARG A 232 0.52 3.20 -31.30
C ARG A 232 1.14 2.67 -32.58
N ALA A 233 1.68 3.58 -33.39
CA ALA A 233 2.48 3.21 -34.57
C ALA A 233 3.62 2.24 -34.25
N HIS A 234 4.14 2.27 -33.02
CA HIS A 234 5.27 1.42 -32.64
C HIS A 234 4.88 0.22 -31.75
N GLY A 235 3.58 0.04 -31.55
CA GLY A 235 3.05 -1.01 -30.69
C GLY A 235 3.34 -0.75 -29.23
N ILE A 236 3.50 0.53 -28.88
CA ILE A 236 3.81 0.92 -27.52
C ILE A 236 2.52 1.25 -26.77
N LEU A 237 2.36 0.64 -25.60
CA LEU A 237 1.20 0.85 -24.75
C LEU A 237 1.28 2.23 -24.08
N VAL A 238 0.17 2.95 -24.11
CA VAL A 238 0.08 4.28 -23.49
C VAL A 238 -0.53 4.18 -22.09
N VAL A 239 0.29 4.46 -21.08
CA VAL A 239 -0.15 4.40 -19.69
C VAL A 239 -0.38 5.83 -19.21
N CYS A 240 -1.61 6.14 -18.84
CA CYS A 240 -1.94 7.48 -18.35
C CYS A 240 -2.03 7.49 -16.82
N ASP A 241 -1.13 8.23 -16.18
CA ASP A 241 -1.04 8.28 -14.72
C ASP A 241 -1.90 9.41 -14.19
N GLU A 242 -3.12 9.07 -13.79
CA GLU A 242 -4.08 10.05 -13.32
C GLU A 242 -4.31 9.96 -11.82
N VAL A 243 -3.31 9.48 -11.09
CA VAL A 243 -3.37 9.43 -9.63
C VAL A 243 -3.61 10.83 -9.02
N LYS A 244 -3.01 11.87 -9.61
CA LYS A 244 -3.10 13.22 -9.06
C LYS A 244 -4.29 14.02 -9.62
N VAL A 245 -4.53 13.86 -10.90
CA VAL A 245 -5.34 14.79 -11.68
C VAL A 245 -6.64 14.13 -12.19
N GLY A 246 -6.82 12.86 -11.82
CA GLY A 246 -7.94 12.07 -12.30
C GLY A 246 -9.20 12.22 -11.47
N LEU A 247 -10.24 11.51 -11.89
CA LEU A 247 -11.57 11.47 -11.22
C LEU A 247 -12.19 12.83 -10.85
N ALA A 248 -12.72 13.49 -11.87
CA ALA A 248 -13.44 14.76 -11.75
C ALA A 248 -12.57 16.01 -11.59
N ARG A 249 -11.37 15.87 -11.04
CA ARG A 249 -10.56 17.03 -10.64
C ARG A 249 -10.21 18.00 -11.78
N SER A 250 -10.12 17.48 -13.01
CA SER A 250 -9.72 18.30 -14.16
C SER A 250 -10.88 19.05 -14.82
N GLY A 251 -12.10 18.85 -14.32
CA GLY A 251 -13.27 19.48 -14.92
C GLY A 251 -13.98 18.52 -15.86
N ARG A 252 -13.33 17.38 -16.12
CA ARG A 252 -13.93 16.20 -16.74
C ARG A 252 -13.61 15.03 -15.82
N LEU A 253 -14.30 13.92 -16.05
CA LEU A 253 -14.10 12.75 -15.20
C LEU A 253 -12.65 12.25 -15.30
N HIS A 254 -12.19 12.02 -16.53
CA HIS A 254 -10.81 11.62 -16.77
C HIS A 254 -10.09 12.73 -17.51
N CYS A 255 -8.86 13.01 -17.09
CA CYS A 255 -8.10 14.14 -17.63
C CYS A 255 -7.77 13.98 -19.12
N PHE A 256 -7.63 12.73 -19.56
CA PHE A 256 -7.33 12.43 -20.96
C PHE A 256 -8.46 12.86 -21.90
N GLU A 257 -9.66 13.09 -21.34
CA GLU A 257 -10.81 13.56 -22.12
C GLU A 257 -10.56 14.94 -22.73
N HIS A 258 -9.67 15.70 -22.11
CA HIS A 258 -9.28 17.01 -22.59
C HIS A 258 -8.33 16.93 -23.78
N GLU A 259 -7.77 15.75 -24.02
CA GLU A 259 -6.55 15.62 -24.84
C GLU A 259 -6.67 14.89 -26.19
N GLY A 260 -7.87 14.41 -26.52
CA GLY A 260 -8.11 13.82 -27.83
C GLY A 260 -7.56 12.42 -28.05
N PHE A 261 -7.20 11.74 -26.96
CA PHE A 261 -6.77 10.35 -27.03
C PHE A 261 -7.38 9.56 -25.88
N VAL A 262 -7.33 8.24 -25.98
CA VAL A 262 -7.72 7.34 -24.91
C VAL A 262 -6.53 6.41 -24.65
N PRO A 263 -6.04 6.37 -23.40
CA PRO A 263 -4.87 5.53 -23.10
C PRO A 263 -5.21 4.05 -23.15
N ASP A 264 -4.18 3.21 -23.28
CA ASP A 264 -4.36 1.75 -23.15
C ASP A 264 -4.56 1.37 -21.68
N ILE A 265 -3.86 2.09 -20.79
CA ILE A 265 -3.88 1.80 -19.37
C ILE A 265 -4.14 3.10 -18.59
N LEU A 266 -5.07 3.06 -17.63
CA LEU A 266 -5.33 4.19 -16.73
C LEU A 266 -4.99 3.80 -15.29
N VAL A 267 -4.19 4.63 -14.62
CA VAL A 267 -3.81 4.42 -13.22
C VAL A 267 -4.44 5.52 -12.36
N LEU A 268 -5.08 5.08 -11.28
CA LEU A 268 -5.92 5.92 -10.44
C LEU A 268 -5.46 5.72 -9.01
N GLY A 269 -5.58 6.74 -8.17
CA GLY A 269 -5.18 6.65 -6.77
C GLY A 269 -5.59 7.90 -6.04
N LYS A 270 -4.84 8.27 -5.00
CA LYS A 270 -5.13 9.42 -4.13
C LYS A 270 -6.63 9.65 -3.87
N GLY A 271 -7.25 10.61 -4.56
CA GLY A 271 -8.66 10.93 -4.38
C GLY A 271 -9.69 9.82 -4.60
N LEU A 272 -9.29 8.73 -5.29
CA LEU A 272 -10.14 7.55 -5.47
C LEU A 272 -10.65 7.04 -4.13
N GLY A 273 -9.79 7.11 -3.11
CA GLY A 273 -10.14 6.62 -1.78
C GLY A 273 -10.84 7.61 -0.85
N GLY A 274 -10.93 8.87 -1.27
CA GLY A 274 -11.51 9.96 -0.46
C GLY A 274 -10.97 10.04 0.97
N GLY A 275 -9.72 9.62 1.16
CA GLY A 275 -9.17 9.55 2.52
C GLY A 275 -8.70 8.17 2.96
N LEU A 276 -9.16 7.13 2.26
CA LEU A 276 -8.71 5.76 2.52
C LEU A 276 -7.69 5.36 1.44
N PRO A 277 -6.77 4.42 1.75
CA PRO A 277 -5.81 3.91 0.77
C PRO A 277 -6.52 3.07 -0.29
N LEU A 278 -6.53 3.57 -1.52
CA LEU A 278 -7.14 2.86 -2.65
C LEU A 278 -6.57 3.38 -3.97
N SER A 279 -6.08 2.44 -4.79
CA SER A 279 -5.70 2.73 -6.16
C SER A 279 -6.26 1.67 -7.11
N ALA A 280 -6.17 1.93 -8.41
CA ALA A 280 -6.66 0.98 -9.42
C ALA A 280 -5.90 1.15 -10.73
N VAL A 281 -5.73 0.03 -11.42
CA VAL A 281 -5.23 0.02 -12.78
C VAL A 281 -6.35 -0.48 -13.70
N ILE A 282 -6.69 0.32 -14.71
CA ILE A 282 -7.61 -0.12 -15.75
C ILE A 282 -6.71 -0.48 -16.92
N ALA A 283 -6.66 -1.78 -17.25
CA ALA A 283 -5.74 -2.28 -18.29
C ALA A 283 -6.39 -3.35 -19.17
N PRO A 284 -5.93 -3.47 -20.44
CA PRO A 284 -6.47 -4.57 -21.26
C PRO A 284 -6.46 -5.90 -20.52
N ALA A 285 -7.50 -6.70 -20.71
CA ALA A 285 -7.60 -8.04 -20.11
C ALA A 285 -6.36 -8.90 -20.33
N GLU A 286 -5.75 -8.82 -21.51
CA GLU A 286 -4.56 -9.63 -21.81
C GLU A 286 -3.38 -9.33 -20.91
N ILE A 287 -3.28 -8.07 -20.48
CA ILE A 287 -2.19 -7.61 -19.62
C ILE A 287 -2.37 -8.09 -18.18
N LEU A 288 -3.60 -8.00 -17.69
CA LEU A 288 -3.94 -8.36 -16.31
C LEU A 288 -4.24 -9.86 -16.08
N ASP A 289 -4.52 -10.59 -17.17
CA ASP A 289 -4.72 -12.04 -17.07
C ASP A 289 -3.49 -12.89 -17.42
N CYS A 290 -2.35 -12.24 -17.62
CA CYS A 290 -1.13 -12.92 -18.09
C CYS A 290 -0.49 -13.85 -17.04
N ALA A 291 -0.85 -13.65 -15.77
CA ALA A 291 -0.44 -14.54 -14.68
C ALA A 291 -1.40 -14.33 -13.51
N SER A 292 -1.44 -15.30 -12.60
CA SER A 292 -2.14 -15.10 -11.35
C SER A 292 -1.16 -15.10 -10.20
N ALA A 293 -1.63 -14.72 -9.01
CA ALA A 293 -0.78 -14.63 -7.81
C ALA A 293 0.56 -13.91 -8.04
N PHE A 294 0.50 -12.82 -8.80
CA PHE A 294 1.70 -12.19 -9.38
C PHE A 294 2.02 -10.81 -8.78
N ALA A 295 1.01 -9.97 -8.62
CA ALA A 295 1.15 -8.66 -7.98
C ALA A 295 0.01 -8.50 -7.00
N MET A 296 0.29 -8.75 -5.72
CA MET A 296 -0.74 -8.90 -4.70
C MET A 296 -0.24 -8.55 -3.32
N GLN A 297 -1.10 -7.90 -2.55
CA GLN A 297 -0.85 -7.64 -1.14
C GLN A 297 -2.16 -7.88 -0.40
N THR A 298 -2.04 -8.50 0.77
CA THR A 298 -3.19 -9.00 1.54
C THR A 298 -4.44 -8.12 1.52
N LEU A 299 -4.30 -6.84 1.84
CA LEU A 299 -5.48 -5.97 2.00
C LEU A 299 -5.91 -5.27 0.70
N HIS A 300 -5.34 -5.69 -0.43
CA HIS A 300 -5.79 -5.25 -1.75
C HIS A 300 -7.26 -5.63 -1.97
N GLY A 301 -8.07 -4.66 -2.41
CA GLY A 301 -9.48 -4.92 -2.68
C GLY A 301 -10.32 -5.10 -1.41
N ASN A 302 -9.79 -4.66 -0.26
CA ASN A 302 -10.55 -4.73 0.98
C ASN A 302 -11.86 -3.94 0.86
N PRO A 303 -12.96 -4.48 1.43
CA PRO A 303 -14.29 -3.91 1.23
C PRO A 303 -14.53 -2.52 1.85
N ILE A 304 -13.70 -2.10 2.80
CA ILE A 304 -13.83 -0.79 3.43
C ILE A 304 -13.26 0.31 2.52
N SER A 305 -12.06 0.09 1.97
CA SER A 305 -11.52 0.98 0.93
C SER A 305 -12.41 0.99 -0.31
N ALA A 306 -12.82 -0.20 -0.75
CA ALA A 306 -13.72 -0.36 -1.90
C ALA A 306 -15.03 0.44 -1.76
N ALA A 307 -15.65 0.39 -0.58
CA ALA A 307 -16.90 1.11 -0.34
C ALA A 307 -16.67 2.64 -0.36
N ALA A 308 -15.56 3.08 0.23
CA ALA A 308 -15.08 4.46 0.10
C ALA A 308 -14.94 4.93 -1.36
N GLY A 309 -14.29 4.11 -2.19
CA GLY A 309 -14.13 4.40 -3.62
C GLY A 309 -15.46 4.49 -4.35
N LEU A 310 -16.38 3.60 -4.03
CA LEU A 310 -17.74 3.59 -4.57
C LEU A 310 -18.48 4.88 -4.25
N ALA A 311 -18.33 5.36 -3.00
CA ALA A 311 -18.97 6.58 -2.55
C ALA A 311 -18.42 7.80 -3.29
N VAL A 312 -17.11 7.80 -3.56
CA VAL A 312 -16.45 8.87 -4.29
C VAL A 312 -17.02 8.95 -5.71
N LEU A 313 -17.11 7.81 -6.38
CA LEU A 313 -17.64 7.77 -7.74
C LEU A 313 -19.13 8.12 -7.79
N GLU A 314 -19.89 7.63 -6.80
CA GLU A 314 -21.32 7.94 -6.70
C GLU A 314 -21.56 9.42 -6.51
N THR A 315 -20.83 10.03 -5.58
CA THR A 315 -20.88 11.48 -5.33
C THR A 315 -20.45 12.31 -6.54
N ILE A 316 -19.37 11.88 -7.22
CA ILE A 316 -18.94 12.52 -8.49
C ILE A 316 -20.09 12.66 -9.50
N ASP A 317 -20.85 11.58 -9.69
CA ASP A 317 -21.98 11.60 -10.62
C ASP A 317 -23.16 12.36 -10.00
N ARG A 318 -23.57 11.95 -8.80
CA ARG A 318 -24.68 12.57 -8.07
C ARG A 318 -24.60 14.10 -7.97
N ASP A 319 -23.43 14.62 -7.58
CA ASP A 319 -23.23 16.05 -7.30
C ASP A 319 -22.51 16.81 -8.43
N ASP A 320 -22.43 16.17 -9.60
CA ASP A 320 -21.74 16.73 -10.79
C ASP A 320 -20.40 17.39 -10.43
N LEU A 321 -19.50 16.62 -9.81
CA LEU A 321 -18.25 17.17 -9.32
C LEU A 321 -17.27 17.64 -10.41
N PRO A 322 -17.31 17.04 -11.62
CA PRO A 322 -16.47 17.59 -12.69
C PRO A 322 -16.83 19.03 -13.08
N ALA A 323 -18.14 19.34 -13.11
CA ALA A 323 -18.60 20.72 -13.41
C ALA A 323 -18.30 21.67 -12.26
N MET A 324 -18.45 21.18 -11.03
CA MET A 324 -18.05 21.92 -9.83
C MET A 324 -16.56 22.29 -9.89
N ALA A 325 -15.70 21.31 -10.19
CA ALA A 325 -14.25 21.52 -10.35
C ALA A 325 -13.92 22.53 -11.45
N GLU A 326 -14.61 22.40 -12.59
CA GLU A 326 -14.42 23.31 -13.71
C GLU A 326 -14.76 24.75 -13.31
N ARG A 327 -15.95 24.90 -12.73
CA ARG A 327 -16.48 26.19 -12.28
C ARG A 327 -15.60 26.81 -11.20
N LYS A 328 -15.24 26.03 -10.18
CA LYS A 328 -14.44 26.54 -9.07
C LYS A 328 -12.97 26.81 -9.43
N GLY A 329 -12.45 26.05 -10.40
CA GLY A 329 -11.07 26.25 -10.88
C GLY A 329 -10.88 27.58 -11.58
N ARG A 330 -11.83 27.91 -12.46
CA ARG A 330 -11.84 29.19 -13.18
C ARG A 330 -11.86 30.35 -12.20
N LEU A 331 -12.70 30.22 -11.17
CA LEU A 331 -12.83 31.22 -10.12
C LEU A 331 -11.50 31.39 -9.37
N LEU A 332 -10.91 30.27 -8.95
CA LEU A 332 -9.59 30.28 -8.34
C LEU A 332 -8.53 30.91 -9.25
N ARG A 333 -8.45 30.44 -10.49
CA ARG A 333 -7.44 30.95 -11.41
C ARG A 333 -7.68 32.41 -11.84
N ASP A 334 -8.94 32.82 -11.89
CA ASP A 334 -9.32 34.22 -12.06
C ASP A 334 -8.81 35.04 -10.90
N GLY A 335 -9.05 34.54 -9.68
CA GLY A 335 -8.54 35.12 -8.46
C GLY A 335 -7.04 35.31 -8.47
N LEU A 336 -6.33 34.25 -8.84
CA LEU A 336 -4.87 34.28 -8.94
C LEU A 336 -4.35 35.33 -9.93
N SER A 337 -5.05 35.51 -11.04
CA SER A 337 -4.68 36.53 -12.06
C SER A 337 -4.79 37.95 -11.51
N GLU A 338 -5.75 38.14 -10.62
CA GLU A 338 -5.97 39.42 -9.96
C GLU A 338 -4.80 39.73 -9.04
N LEU A 339 -4.34 38.73 -8.31
CA LEU A 339 -3.17 38.85 -7.45
C LEU A 339 -1.89 39.12 -8.25
N ALA A 340 -1.86 38.63 -9.49
CA ALA A 340 -0.70 38.80 -10.39
C ALA A 340 -0.51 40.25 -10.85
N LYS A 341 -1.58 41.04 -10.91
CA LYS A 341 -1.53 42.48 -11.21
C LYS A 341 -0.82 43.22 -10.09
N ARG A 342 -0.92 42.68 -8.89
CA ARG A 342 -0.40 43.32 -7.69
C ARG A 342 0.94 42.75 -7.23
N HIS A 343 1.23 41.49 -7.57
CA HIS A 343 2.46 40.84 -7.12
C HIS A 343 3.27 40.34 -8.29
N PRO A 344 4.39 41.03 -8.59
CA PRO A 344 5.25 40.70 -9.75
C PRO A 344 5.83 39.27 -9.71
N LEU A 345 5.92 38.67 -8.53
CA LEU A 345 6.46 37.31 -8.38
C LEU A 345 5.70 36.25 -9.17
N ILE A 346 4.41 36.48 -9.40
CA ILE A 346 3.59 35.55 -10.16
C ILE A 346 3.91 35.63 -11.65
N GLY A 347 4.40 34.52 -12.21
CA GLY A 347 4.78 34.46 -13.62
C GLY A 347 3.85 33.65 -14.50
N ASP A 348 3.36 32.53 -13.97
CA ASP A 348 2.47 31.68 -14.74
C ASP A 348 1.40 31.07 -13.86
N ILE A 349 0.15 31.21 -14.31
CA ILE A 349 -0.98 30.54 -13.69
C ILE A 349 -1.52 29.54 -14.70
N ARG A 350 -1.63 28.29 -14.26
CA ARG A 350 -1.97 27.19 -15.16
C ARG A 350 -2.85 26.16 -14.45
N GLY A 351 -3.48 25.31 -15.23
CA GLY A 351 -4.22 24.17 -14.70
C GLY A 351 -5.53 23.88 -15.41
N ARG A 352 -6.18 22.81 -14.94
CA ARG A 352 -7.49 22.42 -15.40
C ARG A 352 -8.29 22.13 -14.15
N GLY A 353 -9.53 22.62 -14.10
CA GLY A 353 -10.39 22.41 -12.94
C GLY A 353 -9.69 22.83 -11.66
N LEU A 354 -9.75 21.94 -10.67
CA LEU A 354 -9.09 22.16 -9.38
C LEU A 354 -7.72 21.47 -9.27
N ALA A 355 -6.99 21.44 -10.39
CA ALA A 355 -5.57 21.11 -10.37
C ALA A 355 -4.85 22.31 -10.98
N CYS A 356 -4.41 23.22 -10.13
CA CYS A 356 -3.78 24.46 -10.59
C CYS A 356 -2.41 24.65 -10.01
N GLY A 357 -1.57 25.33 -10.78
CA GLY A 357 -0.25 25.73 -10.36
C GLY A 357 -0.03 27.22 -10.56
N MET A 358 0.83 27.79 -9.73
CA MET A 358 1.21 29.18 -9.89
C MET A 358 2.72 29.29 -9.69
N GLU A 359 3.42 29.58 -10.78
CA GLU A 359 4.87 29.62 -10.77
C GLU A 359 5.39 31.01 -10.42
N LEU A 360 6.35 31.03 -9.51
CA LEU A 360 6.89 32.26 -8.98
C LEU A 360 8.29 32.49 -9.52
N VAL A 361 8.46 33.64 -10.17
CA VAL A 361 9.69 33.96 -10.86
C VAL A 361 10.26 35.30 -10.38
N CYS A 362 11.57 35.43 -10.47
CA CYS A 362 12.26 36.68 -10.09
C CYS A 362 12.12 37.77 -11.17
N ASP A 363 12.07 37.34 -12.42
CA ASP A 363 11.74 38.24 -13.53
C ASP A 363 10.83 37.49 -14.48
N ARG A 364 9.80 38.18 -14.98
CA ARG A 364 8.80 37.58 -15.85
C ARG A 364 9.28 37.29 -17.30
N GLN A 365 10.37 37.93 -17.69
CA GLN A 365 10.94 37.72 -19.03
C GLN A 365 12.07 36.70 -18.96
N SER A 366 12.90 36.81 -17.93
CA SER A 366 13.97 35.85 -17.67
C SER A 366 13.42 34.50 -17.18
N ARG A 367 12.22 34.53 -16.60
CA ARG A 367 11.56 33.35 -16.03
C ARG A 367 12.42 32.59 -15.02
N GLU A 368 13.29 33.34 -14.35
CA GLU A 368 14.19 32.78 -13.36
C GLU A 368 13.39 32.43 -12.08
N PRO A 369 13.52 31.18 -11.59
CA PRO A 369 12.71 30.70 -10.46
C PRO A 369 13.01 31.40 -9.14
N ALA A 370 11.96 31.70 -8.38
CA ALA A 370 12.11 32.35 -7.07
C ALA A 370 11.88 31.35 -5.92
N ARG A 371 12.88 30.49 -5.73
CA ARG A 371 12.78 29.36 -4.81
C ARG A 371 12.60 29.77 -3.35
N ALA A 372 13.45 30.69 -2.89
CA ALA A 372 13.44 31.13 -1.49
C ALA A 372 12.12 31.78 -1.12
N GLU A 373 11.62 32.63 -2.01
CA GLU A 373 10.37 33.39 -1.82
C GLU A 373 9.16 32.46 -1.76
N THR A 374 9.24 31.36 -2.51
CA THR A 374 8.17 30.35 -2.56
C THR A 374 8.02 29.65 -1.21
N ALA A 375 9.15 29.21 -0.65
CA ALA A 375 9.22 28.59 0.67
C ALA A 375 8.67 29.49 1.80
N LYS A 376 9.01 30.78 1.76
CA LYS A 376 8.52 31.74 2.76
C LYS A 376 7.01 31.95 2.62
N LEU A 377 6.55 31.91 1.38
CA LEU A 377 5.17 32.18 1.01
C LEU A 377 4.21 31.13 1.56
N ILE A 378 4.60 29.86 1.47
CA ILE A 378 3.77 28.77 2.03
C ILE A 378 3.81 28.73 3.56
N TYR A 379 4.97 29.05 4.13
CA TYR A 379 5.13 29.17 5.58
C TYR A 379 4.24 30.28 6.12
N ARG A 380 4.36 31.46 5.52
CA ARG A 380 3.49 32.60 5.83
C ARG A 380 2.02 32.25 5.69
N ALA A 381 1.65 31.65 4.55
CA ALA A 381 0.26 31.25 4.31
C ALA A 381 -0.25 30.34 5.41
N TYR A 382 0.62 29.47 5.94
CA TYR A 382 0.26 28.60 7.05
C TYR A 382 -0.05 29.38 8.34
N GLN A 383 0.81 30.34 8.67
CA GLN A 383 0.57 31.24 9.81
C GLN A 383 -0.76 31.98 9.68
N LEU A 384 -1.13 32.37 8.46
CA LEU A 384 -2.42 33.07 8.23
C LEU A 384 -3.66 32.17 8.23
N GLY A 385 -3.48 30.85 8.21
CA GLY A 385 -4.62 29.93 8.23
C GLY A 385 -4.93 29.30 6.88
N LEU A 386 -3.87 29.02 6.13
CA LEU A 386 -4.00 28.52 4.78
C LEU A 386 -3.00 27.39 4.55
N VAL A 387 -3.47 26.26 4.00
CA VAL A 387 -2.59 25.12 3.72
C VAL A 387 -2.33 24.98 2.22
N VAL A 388 -1.10 25.25 1.83
CA VAL A 388 -0.67 25.21 0.43
C VAL A 388 0.80 24.81 0.38
N TYR A 389 1.15 24.01 -0.61
CA TYR A 389 2.52 23.53 -0.78
C TYR A 389 3.07 23.89 -2.15
N TYR A 390 4.38 23.75 -2.29
CA TYR A 390 5.02 24.01 -3.57
C TYR A 390 5.66 22.73 -4.10
N VAL A 391 5.76 22.65 -5.42
CA VAL A 391 6.42 21.56 -6.14
C VAL A 391 7.22 22.16 -7.27
N GLY A 392 7.71 21.30 -8.16
CA GLY A 392 8.42 21.73 -9.35
C GLY A 392 9.89 21.36 -9.25
N MET A 393 10.50 21.14 -10.42
CA MET A 393 11.94 20.89 -10.54
C MET A 393 12.72 21.96 -9.78
N ASN A 394 12.19 23.19 -9.79
CA ASN A 394 12.86 24.35 -9.21
C ASN A 394 12.30 24.83 -7.88
N GLY A 395 11.34 24.09 -7.33
CA GLY A 395 10.74 24.42 -6.02
C GLY A 395 9.98 25.74 -5.96
N ASN A 396 9.49 26.19 -7.11
CA ASN A 396 8.91 27.52 -7.22
C ASN A 396 7.46 27.53 -7.73
N VAL A 397 6.80 26.38 -7.72
CA VAL A 397 5.40 26.30 -8.19
C VAL A 397 4.43 25.90 -7.07
N LEU A 398 3.54 26.82 -6.71
CA LEU A 398 2.51 26.53 -5.73
C LEU A 398 1.47 25.64 -6.36
N GLU A 399 1.11 24.58 -5.64
CA GLU A 399 0.14 23.61 -6.11
C GLU A 399 -1.22 23.84 -5.43
N PHE A 400 -2.28 23.88 -6.23
CA PHE A 400 -3.63 24.02 -5.69
C PHE A 400 -4.48 22.80 -6.04
N THR A 401 -4.74 21.95 -5.07
CA THR A 401 -5.58 20.77 -5.26
C THR A 401 -6.57 20.55 -4.12
N PRO A 402 -7.45 21.54 -3.86
CA PRO A 402 -8.36 21.41 -2.73
C PRO A 402 -9.45 20.35 -2.98
N PRO A 403 -10.19 19.97 -1.90
CA PRO A 403 -11.38 19.16 -2.09
C PRO A 403 -12.31 19.74 -3.16
N LEU A 404 -12.83 18.88 -4.02
CA LEU A 404 -13.69 19.30 -5.14
C LEU A 404 -14.97 19.86 -4.52
N THR A 405 -15.11 19.53 -3.25
CA THR A 405 -16.19 19.92 -2.37
C THR A 405 -16.04 21.37 -1.83
N ILE A 406 -14.83 21.94 -1.88
CA ILE A 406 -14.55 23.30 -1.40
C ILE A 406 -15.63 24.34 -1.79
N THR A 407 -15.98 25.24 -0.86
CA THR A 407 -17.03 26.23 -1.16
C THR A 407 -16.47 27.48 -1.85
N GLU A 408 -17.28 28.10 -2.70
CA GLU A 408 -16.94 29.36 -3.37
C GLU A 408 -16.46 30.42 -2.36
N THR A 409 -17.10 30.46 -1.20
CA THR A 409 -16.68 31.29 -0.05
C THR A 409 -15.26 31.00 0.43
N ASP A 410 -14.94 29.70 0.56
CA ASP A 410 -13.61 29.25 0.98
C ASP A 410 -12.52 29.67 0.00
N ILE A 411 -12.82 29.57 -1.29
CA ILE A 411 -11.90 30.02 -2.34
C ILE A 411 -11.57 31.51 -2.18
N HIS A 412 -12.61 32.35 -2.10
CA HIS A 412 -12.43 33.80 -1.97
C HIS A 412 -11.65 34.19 -0.71
N LYS A 413 -11.93 33.50 0.40
CA LYS A 413 -11.19 33.68 1.64
C LYS A 413 -9.73 33.31 1.45
N ALA A 414 -9.50 32.16 0.81
CA ALA A 414 -8.14 31.67 0.55
C ALA A 414 -7.37 32.61 -0.35
N LEU A 415 -8.06 33.22 -1.30
CA LEU A 415 -7.47 34.23 -2.17
C LEU A 415 -7.01 35.46 -1.37
N ASP A 416 -7.81 35.92 -0.42
CA ASP A 416 -7.44 37.05 0.44
C ASP A 416 -6.22 36.69 1.27
N LEU A 417 -6.23 35.50 1.85
CA LEU A 417 -5.12 35.03 2.69
C LEU A 417 -3.82 34.90 1.89
N LEU A 418 -3.95 34.45 0.63
CA LEU A 418 -2.80 34.29 -0.25
C LEU A 418 -2.21 35.65 -0.62
N ASP A 419 -3.10 36.59 -0.93
CA ASP A 419 -2.75 38.00 -1.16
C ASP A 419 -1.96 38.55 0.05
N ARG A 420 -2.53 38.36 1.24
CA ARG A 420 -1.91 38.71 2.52
C ARG A 420 -0.54 38.06 2.69
N ALA A 421 -0.43 36.78 2.33
CA ALA A 421 0.83 36.04 2.42
C ALA A 421 1.95 36.68 1.59
N PHE A 422 1.65 37.03 0.34
CA PHE A 422 2.60 37.73 -0.54
C PHE A 422 3.03 39.08 0.04
N SER A 423 2.08 39.81 0.63
CA SER A 423 2.37 41.12 1.20
C SER A 423 3.24 41.03 2.45
N GLU A 424 3.37 39.83 3.01
CA GLU A 424 4.02 39.65 4.30
C GLU A 424 5.18 38.66 4.30
N LEU A 425 5.72 38.37 3.11
CA LEU A 425 6.88 37.48 2.99
C LEU A 425 8.03 37.88 3.91
N SER A 426 8.25 39.18 4.03
CA SER A 426 9.31 39.74 4.86
C SER A 426 9.20 39.33 6.32
N ALA A 427 7.98 39.05 6.78
CA ALA A 427 7.72 38.63 8.16
C ALA A 427 8.22 37.20 8.49
N VAL A 428 8.76 36.51 7.49
CA VAL A 428 9.27 35.16 7.67
C VAL A 428 10.76 35.13 7.41
N SER A 429 11.52 34.66 8.38
CA SER A 429 12.99 34.55 8.25
C SER A 429 13.41 33.24 7.61
N ASN A 430 14.64 33.20 7.10
CA ASN A 430 15.20 32.01 6.48
C ASN A 430 15.61 30.93 7.49
N GLU A 431 15.58 31.28 8.77
CA GLU A 431 15.88 30.33 9.84
C GLU A 431 14.63 29.57 10.27
N GLU A 432 13.46 30.19 10.10
CA GLU A 432 12.19 29.52 10.34
C GLU A 432 11.97 28.49 9.22
N ILE A 433 12.42 28.85 8.01
CA ILE A 433 12.44 27.95 6.85
C ILE A 433 13.43 26.80 7.07
N ALA A 434 14.61 27.11 7.60
CA ALA A 434 15.67 26.11 7.80
C ALA A 434 15.34 25.01 8.81
N GLN A 435 14.33 25.25 9.66
CA GLN A 435 13.92 24.29 10.68
C GLN A 435 13.13 23.11 10.08
N PHE A 436 12.62 23.30 8.87
CA PHE A 436 11.81 22.27 8.21
C PHE A 436 12.53 21.80 6.96
N ALA A 437 12.84 20.49 6.95
CA ALA A 437 13.69 19.87 5.93
C ALA A 437 13.08 19.82 4.52
N GLY A 438 11.75 19.76 4.46
CA GLY A 438 11.01 19.79 3.19
C GLY A 438 11.31 18.61 2.25
N TRP A 439 11.62 18.92 0.99
CA TRP A 439 11.89 17.91 -0.05
C TRP A 439 13.24 17.22 0.11
N LYS B 6 -22.60 -13.52 -14.08
CA LYS B 6 -23.95 -13.14 -13.60
C LYS B 6 -24.04 -13.22 -12.06
N ALA B 7 -23.65 -14.38 -11.51
CA ALA B 7 -23.46 -14.54 -10.08
C ALA B 7 -22.15 -13.86 -9.71
N LEU B 8 -21.99 -13.54 -8.43
CA LEU B 8 -20.84 -12.75 -7.97
C LEU B 8 -19.48 -13.28 -8.47
N TYR B 9 -19.23 -14.58 -8.32
CA TYR B 9 -17.94 -15.13 -8.69
C TYR B 9 -17.63 -14.98 -10.18
N ASP B 10 -18.65 -15.15 -11.03
CA ASP B 10 -18.50 -14.92 -12.48
C ASP B 10 -18.28 -13.44 -12.81
N ARG B 11 -18.98 -12.55 -12.10
CA ARG B 11 -18.80 -11.11 -12.23
C ARG B 11 -17.38 -10.65 -11.92
N ASP B 12 -16.77 -11.29 -10.91
CA ASP B 12 -15.39 -11.08 -10.48
C ASP B 12 -14.38 -11.47 -11.58
N GLY B 13 -14.63 -12.62 -12.23
CA GLY B 13 -13.80 -13.09 -13.34
C GLY B 13 -13.90 -12.17 -14.54
N ALA B 14 -15.04 -11.50 -14.66
CA ALA B 14 -15.28 -10.57 -15.76
C ALA B 14 -14.70 -9.17 -15.52
N ALA B 15 -14.59 -8.75 -14.27
CA ALA B 15 -14.22 -7.36 -13.96
C ALA B 15 -12.80 -7.20 -13.44
N ILE B 16 -12.27 -8.26 -12.82
CA ILE B 16 -11.01 -8.15 -12.09
C ILE B 16 -10.00 -9.10 -12.69
N GLY B 17 -8.81 -8.58 -12.98
CA GLY B 17 -7.72 -9.36 -13.56
C GLY B 17 -7.20 -10.47 -12.67
N ASN B 18 -6.59 -11.47 -13.28
CA ASN B 18 -5.98 -12.59 -12.58
C ASN B 18 -4.75 -12.23 -11.76
N LEU B 19 -4.11 -11.12 -12.14
CA LEU B 19 -2.80 -10.72 -11.62
C LEU B 19 -2.68 -10.76 -10.09
N GLN B 20 -3.75 -10.34 -9.40
CA GLN B 20 -3.75 -10.31 -7.94
C GLN B 20 -4.60 -11.42 -7.28
N LYS B 21 -5.04 -12.41 -8.07
CA LYS B 21 -5.91 -13.48 -7.54
C LYS B 21 -5.10 -14.67 -7.05
N LEU B 22 -5.41 -15.10 -5.82
CA LEU B 22 -4.87 -16.32 -5.25
C LEU B 22 -6.06 -17.17 -4.82
N ARG B 23 -6.70 -17.79 -5.82
CA ARG B 23 -7.98 -18.45 -5.60
C ARG B 23 -7.83 -19.96 -5.56
N PHE B 24 -8.62 -20.59 -4.70
CA PHE B 24 -8.53 -22.01 -4.44
C PHE B 24 -9.89 -22.67 -4.59
N PHE B 25 -10.93 -21.82 -4.63
CA PHE B 25 -12.33 -22.21 -4.77
C PHE B 25 -13.18 -20.95 -4.98
N PRO B 26 -14.44 -21.10 -5.45
CA PRO B 26 -15.21 -19.94 -5.85
C PRO B 26 -15.90 -19.22 -4.69
N LEU B 27 -15.13 -18.79 -3.70
CA LEU B 27 -15.67 -18.07 -2.54
C LEU B 27 -16.04 -16.64 -2.95
N ALA B 28 -17.29 -16.27 -2.70
CA ALA B 28 -17.84 -14.99 -3.15
C ALA B 28 -18.61 -14.37 -2.01
N ILE B 29 -18.02 -13.32 -1.43
CA ILE B 29 -18.47 -12.78 -0.14
C ILE B 29 -19.21 -11.45 -0.28
N SER B 30 -20.34 -11.31 0.41
CA SER B 30 -21.02 -10.03 0.48
C SER B 30 -21.13 -9.47 1.92
N GLY B 31 -20.60 -10.21 2.90
CA GLY B 31 -20.71 -9.78 4.28
C GLY B 31 -19.87 -10.56 5.27
N GLY B 32 -19.91 -10.14 6.53
CA GLY B 32 -19.12 -10.78 7.59
C GLY B 32 -19.57 -10.40 8.99
N ARG B 33 -19.48 -11.35 9.90
CA ARG B 33 -19.91 -11.20 11.29
C ARG B 33 -19.05 -12.12 12.13
N GLY B 34 -18.24 -11.53 12.99
CA GLY B 34 -17.39 -12.30 13.89
C GLY B 34 -16.33 -13.07 13.12
N ALA B 35 -16.33 -14.39 13.32
CA ALA B 35 -15.42 -15.26 12.58
C ALA B 35 -16.08 -15.85 11.34
N ARG B 36 -17.27 -15.33 10.99
CA ARG B 36 -18.02 -15.84 9.84
C ARG B 36 -18.05 -14.90 8.63
N LEU B 37 -17.84 -15.50 7.46
CA LEU B 37 -18.03 -14.84 6.19
C LEU B 37 -19.42 -15.19 5.64
N ILE B 38 -20.04 -14.23 4.98
CA ILE B 38 -21.38 -14.44 4.42
C ILE B 38 -21.33 -14.32 2.89
N GLU B 39 -21.70 -15.41 2.24
CA GLU B 39 -21.71 -15.49 0.79
C GLU B 39 -22.94 -14.80 0.22
N GLU B 40 -22.86 -14.48 -1.07
CA GLU B 40 -23.93 -13.78 -1.80
C GLU B 40 -25.35 -14.31 -1.52
N ASN B 41 -25.51 -15.63 -1.44
CA ASN B 41 -26.81 -16.25 -1.15
C ASN B 41 -27.19 -16.28 0.34
N GLY B 42 -26.26 -15.87 1.21
CA GLY B 42 -26.52 -15.82 2.66
C GLY B 42 -25.96 -17.00 3.45
N ARG B 43 -25.39 -17.96 2.74
CA ARG B 43 -24.73 -19.09 3.37
C ARG B 43 -23.55 -18.60 4.21
N GLU B 44 -23.45 -19.11 5.44
CA GLU B 44 -22.36 -18.72 6.35
C GLU B 44 -21.20 -19.71 6.36
N LEU B 45 -19.99 -19.19 6.47
CA LEU B 45 -18.80 -20.00 6.47
C LEU B 45 -17.94 -19.58 7.65
N ILE B 46 -17.29 -20.56 8.28
CA ILE B 46 -16.33 -20.27 9.34
C ILE B 46 -14.97 -19.99 8.70
N ASP B 47 -14.39 -18.85 9.03
CA ASP B 47 -13.17 -18.39 8.39
C ASP B 47 -11.98 -18.73 9.28
N LEU B 48 -11.27 -19.81 8.97
CA LEU B 48 -10.10 -20.19 9.73
C LEU B 48 -8.85 -19.49 9.19
N SER B 49 -9.01 -18.84 8.05
CA SER B 49 -7.93 -18.07 7.46
C SER B 49 -7.83 -16.68 8.07
N GLY B 50 -8.97 -16.07 8.36
CA GLY B 50 -9.04 -14.70 8.85
C GLY B 50 -8.40 -13.72 7.90
N ALA B 51 -8.56 -13.99 6.60
CA ALA B 51 -7.92 -13.20 5.52
C ALA B 51 -6.40 -13.21 5.66
N TRP B 52 -5.85 -14.41 5.81
CA TRP B 52 -4.42 -14.63 6.07
C TRP B 52 -3.95 -13.94 7.36
N GLY B 53 -4.87 -13.76 8.30
CA GLY B 53 -4.58 -13.10 9.56
C GLY B 53 -4.81 -11.58 9.63
N ALA B 54 -5.34 -10.98 8.57
CA ALA B 54 -5.65 -9.54 8.56
C ALA B 54 -6.83 -9.21 9.46
N ALA B 55 -7.79 -10.13 9.53
CA ALA B 55 -8.99 -9.99 10.37
C ALA B 55 -8.73 -10.37 11.83
N SER B 56 -7.78 -9.69 12.46
CA SER B 56 -7.36 -9.99 13.83
C SER B 56 -8.53 -9.98 14.83
N LEU B 57 -9.44 -9.03 14.66
CA LEU B 57 -10.60 -8.87 15.53
C LEU B 57 -11.89 -9.37 14.87
N GLY B 58 -11.76 -10.16 13.82
CA GLY B 58 -12.94 -10.64 13.07
C GLY B 58 -13.66 -9.54 12.29
N TYR B 59 -14.94 -9.76 12.00
CA TYR B 59 -15.70 -8.88 11.12
C TYR B 59 -16.82 -8.15 11.85
N GLY B 60 -16.90 -6.84 11.65
CA GLY B 60 -17.87 -6.01 12.37
C GLY B 60 -17.66 -5.89 13.86
N HIS B 61 -16.45 -6.20 14.36
CA HIS B 61 -16.11 -5.98 15.77
C HIS B 61 -16.50 -4.55 16.17
N PRO B 62 -17.18 -4.39 17.33
CA PRO B 62 -17.67 -3.04 17.72
C PRO B 62 -16.59 -1.97 17.93
N ALA B 63 -15.40 -2.39 18.36
CA ALA B 63 -14.30 -1.46 18.56
C ALA B 63 -13.75 -0.91 17.24
N ILE B 64 -13.72 -1.76 16.20
CA ILE B 64 -13.33 -1.34 14.85
C ILE B 64 -14.38 -0.42 14.29
N VAL B 65 -15.66 -0.82 14.40
CA VAL B 65 -16.79 -0.01 13.96
C VAL B 65 -16.80 1.38 14.61
N ALA B 66 -16.67 1.43 15.94
CA ALA B 66 -16.63 2.72 16.63
C ALA B 66 -15.41 3.57 16.22
N ALA B 67 -14.23 2.96 16.19
CA ALA B 67 -13.00 3.67 15.81
C ALA B 67 -13.09 4.27 14.40
N VAL B 68 -13.55 3.45 13.45
CA VAL B 68 -13.55 3.80 12.02
C VAL B 68 -14.62 4.84 11.71
N SER B 69 -15.82 4.67 12.28
CA SER B 69 -16.93 5.58 12.05
C SER B 69 -16.67 6.97 12.60
N ALA B 70 -15.99 7.07 13.74
CA ALA B 70 -15.69 8.36 14.38
C ALA B 70 -14.58 9.07 13.62
N ALA B 71 -13.63 8.29 13.12
CA ALA B 71 -12.51 8.82 12.33
C ALA B 71 -12.96 9.30 10.95
N ALA B 72 -13.88 8.57 10.31
CA ALA B 72 -14.47 9.01 9.04
C ALA B 72 -15.24 10.32 9.20
N ALA B 73 -15.99 10.43 10.30
CA ALA B 73 -16.78 11.61 10.62
C ALA B 73 -15.94 12.88 10.87
N ASN B 74 -14.80 12.71 11.53
CA ASN B 74 -13.91 13.83 11.82
C ASN B 74 -12.45 13.41 11.63
N PRO B 75 -12.01 13.28 10.36
CA PRO B 75 -10.65 12.82 10.10
C PRO B 75 -9.58 13.89 10.27
N ALA B 76 -8.49 13.54 10.94
CA ALA B 76 -7.37 14.44 11.13
C ALA B 76 -6.52 14.53 9.85
N GLY B 77 -7.09 15.14 8.80
CA GLY B 77 -6.43 15.16 7.50
C GLY B 77 -6.45 13.77 6.90
N ALA B 78 -5.43 13.43 6.10
CA ALA B 78 -5.39 12.12 5.42
C ALA B 78 -3.97 11.55 5.33
N THR B 79 -3.05 12.15 6.08
CA THR B 79 -1.64 11.91 5.89
C THR B 79 -0.76 12.24 7.11
N ILE B 80 0.39 11.59 7.18
CA ILE B 80 1.44 11.94 8.11
C ILE B 80 2.65 12.53 7.36
N LEU B 81 2.53 12.66 6.04
CA LEU B 81 3.68 13.09 5.23
C LEU B 81 3.95 14.58 5.44
N SER B 82 2.95 15.40 5.17
CA SER B 82 3.11 16.86 5.15
C SER B 82 2.42 17.52 6.34
N ALA B 83 1.95 16.68 7.26
CA ALA B 83 1.26 17.15 8.43
C ALA B 83 1.46 16.13 9.52
N SER B 84 1.41 16.61 10.75
CA SER B 84 1.28 15.70 11.86
C SER B 84 -0.20 15.56 12.12
N ASN B 85 -0.65 14.35 12.42
CA ASN B 85 -2.02 14.13 12.86
C ASN B 85 -2.06 13.33 14.16
N ALA B 86 -3.10 13.54 14.97
CA ALA B 86 -3.16 12.97 16.33
C ALA B 86 -3.33 11.43 16.39
N PRO B 87 -4.34 10.87 15.68
CA PRO B 87 -4.44 9.42 15.55
C PRO B 87 -3.12 8.70 15.27
N ALA B 88 -2.31 9.19 14.32
CA ALA B 88 -1.04 8.56 13.97
C ALA B 88 0.03 8.64 15.06
N VAL B 89 0.16 9.82 15.69
CA VAL B 89 1.13 10.00 16.77
C VAL B 89 0.79 9.15 17.99
N THR B 90 -0.47 9.20 18.40
CA THR B 90 -0.99 8.36 19.48
C THR B 90 -0.74 6.86 19.21
N LEU B 91 -1.06 6.41 18.02
CA LEU B 91 -0.76 5.03 17.62
C LEU B 91 0.73 4.77 17.67
N ALA B 92 1.54 5.72 17.20
CA ALA B 92 2.98 5.58 17.19
C ALA B 92 3.55 5.37 18.61
N GLU B 93 3.08 6.18 19.55
CA GLU B 93 3.54 6.09 20.94
C GLU B 93 3.06 4.81 21.62
N ARG B 94 1.85 4.36 21.26
CA ARG B 94 1.27 3.11 21.78
C ARG B 94 2.08 1.90 21.31
N LEU B 95 2.43 1.88 20.03
CA LEU B 95 3.38 0.87 19.51
C LEU B 95 4.73 0.95 20.18
N LEU B 96 5.21 2.18 20.41
CA LEU B 96 6.51 2.40 21.04
C LEU B 96 6.57 1.92 22.49
N ALA B 97 5.53 2.26 23.26
CA ALA B 97 5.36 1.78 24.64
C ALA B 97 5.42 0.25 24.75
N SER B 98 4.83 -0.44 23.79
CA SER B 98 4.71 -1.89 23.85
C SER B 98 5.97 -2.64 23.39
N PHE B 99 6.94 -1.90 22.87
CA PHE B 99 8.19 -2.51 22.38
C PHE B 99 9.33 -2.41 23.41
N PRO B 100 9.84 -3.57 23.88
CA PRO B 100 10.89 -3.65 24.90
C PRO B 100 12.27 -3.39 24.30
N GLY B 101 12.43 -2.20 23.72
CA GLY B 101 13.62 -1.91 22.90
C GLY B 101 14.89 -1.62 23.65
N GLU B 102 16.01 -1.94 23.02
CA GLU B 102 17.32 -1.49 23.48
C GLU B 102 17.64 -0.17 22.78
N GLY B 103 17.77 0.89 23.57
CA GLY B 103 18.02 2.22 23.04
C GLY B 103 16.73 2.97 22.81
N THR B 104 16.70 3.77 21.76
CA THR B 104 15.53 4.61 21.45
C THR B 104 15.02 4.33 20.03
N HIS B 105 13.70 4.30 19.88
CA HIS B 105 13.07 3.84 18.65
C HIS B 105 12.05 4.82 18.12
N LYS B 106 11.81 4.77 16.81
CA LYS B 106 10.75 5.57 16.18
C LYS B 106 9.89 4.72 15.25
N ILE B 107 8.74 5.26 14.85
CA ILE B 107 7.81 4.57 13.94
C ILE B 107 7.82 5.11 12.50
N TRP B 108 7.79 4.19 11.54
CA TRP B 108 7.47 4.49 10.14
C TRP B 108 6.15 3.78 9.86
N PHE B 109 5.20 4.48 9.27
CA PHE B 109 3.90 3.90 8.95
C PHE B 109 3.75 3.57 7.45
N GLY B 110 3.13 2.43 7.15
CA GLY B 110 2.87 2.05 5.75
C GLY B 110 1.47 1.55 5.48
N HIS B 111 1.24 1.04 4.26
CA HIS B 111 -0.06 0.46 3.88
C HIS B 111 -0.06 -1.03 4.12
N SER B 112 1.11 -1.66 4.01
CA SER B 112 1.22 -3.12 4.02
C SER B 112 2.57 -3.60 4.52
N GLY B 113 2.63 -4.89 4.87
CA GLY B 113 3.88 -5.54 5.24
C GLY B 113 4.93 -5.48 4.14
N SER B 114 4.47 -5.46 2.90
CA SER B 114 5.33 -5.28 1.72
C SER B 114 6.03 -3.93 1.74
N ASP B 115 5.30 -2.84 1.95
CA ASP B 115 5.95 -1.53 1.88
C ASP B 115 6.80 -1.28 3.13
N ALA B 116 6.39 -1.90 4.24
CA ALA B 116 7.12 -1.85 5.50
C ALA B 116 8.47 -2.57 5.45
N ASN B 117 8.49 -3.83 4.99
CA ASN B 117 9.75 -4.53 4.73
C ASN B 117 10.69 -3.81 3.76
N GLU B 118 10.16 -3.35 2.62
CA GLU B 118 10.93 -2.57 1.67
C GLU B 118 11.53 -1.33 2.32
N ALA B 119 10.71 -0.58 3.04
CA ALA B 119 11.13 0.67 3.69
C ALA B 119 12.17 0.42 4.76
N ALA B 120 12.01 -0.66 5.52
CA ALA B 120 12.99 -1.03 6.54
C ALA B 120 14.35 -1.29 5.90
N TYR B 121 14.37 -2.05 4.80
CA TYR B 121 15.59 -2.38 4.11
C TYR B 121 16.26 -1.17 3.45
N ARG B 122 15.45 -0.34 2.77
CA ARG B 122 15.95 0.89 2.13
C ARG B 122 16.57 1.86 3.14
N ALA B 123 15.92 1.99 4.29
CA ALA B 123 16.42 2.81 5.42
C ALA B 123 17.76 2.31 5.96
N ILE B 124 17.88 0.99 6.15
CA ILE B 124 19.12 0.37 6.62
C ILE B 124 20.27 0.66 5.66
N VAL B 125 20.04 0.42 4.37
CA VAL B 125 21.05 0.66 3.35
C VAL B 125 21.42 2.15 3.31
N LYS B 126 20.43 3.02 3.51
CA LYS B 126 20.66 4.46 3.45
C LYS B 126 21.39 4.94 4.71
N ALA B 127 21.06 4.34 5.84
CA ALA B 127 21.61 4.77 7.12
C ALA B 127 23.04 4.30 7.29
N THR B 128 23.34 3.12 6.74
CA THR B 128 24.59 2.43 7.04
C THR B 128 25.50 2.27 5.83
N GLY B 129 24.93 2.27 4.63
CA GLY B 129 25.72 2.00 3.43
C GLY B 129 26.06 0.53 3.23
N ARG B 130 25.56 -0.31 4.14
CA ARG B 130 25.76 -1.76 4.07
C ARG B 130 24.53 -2.40 3.39
N SER B 131 24.70 -2.88 2.17
CA SER B 131 23.57 -3.34 1.37
C SER B 131 23.31 -4.87 1.39
N GLY B 132 24.27 -5.65 1.89
CA GLY B 132 24.10 -7.10 2.04
C GLY B 132 22.97 -7.47 2.98
N VAL B 133 22.32 -8.59 2.71
CA VAL B 133 21.10 -9.01 3.44
C VAL B 133 21.10 -10.52 3.65
N ILE B 134 20.71 -10.94 4.85
CA ILE B 134 20.48 -12.34 5.13
C ILE B 134 18.98 -12.52 5.20
N ALA B 135 18.47 -13.51 4.47
CA ALA B 135 17.09 -13.96 4.66
C ALA B 135 17.05 -15.48 4.56
N PHE B 136 15.92 -16.08 4.89
CA PHE B 136 15.80 -17.54 4.83
C PHE B 136 15.16 -18.01 3.53
N ALA B 137 15.68 -19.12 2.97
CA ALA B 137 14.97 -19.85 1.93
C ALA B 137 13.49 -20.03 2.31
N GLY B 138 12.60 -19.69 1.40
CA GLY B 138 11.16 -19.83 1.65
C GLY B 138 10.56 -18.59 2.28
N ALA B 139 11.37 -17.56 2.48
CA ALA B 139 10.93 -16.37 3.20
C ALA B 139 9.92 -15.57 2.36
N TYR B 140 8.87 -15.09 3.02
CA TYR B 140 7.94 -14.19 2.38
C TYR B 140 7.95 -12.85 3.08
N HIS B 141 8.52 -11.84 2.42
CA HIS B 141 8.62 -10.50 2.99
C HIS B 141 7.81 -9.48 2.21
N GLY B 142 7.22 -9.92 1.10
CA GLY B 142 6.32 -9.07 0.33
C GLY B 142 6.34 -9.27 -1.16
N CYS B 143 5.41 -8.58 -1.83
CA CYS B 143 5.22 -8.72 -3.26
C CYS B 143 5.47 -7.41 -4.04
N THR B 144 6.32 -6.54 -3.49
CA THR B 144 6.76 -5.34 -4.20
C THR B 144 8.18 -5.59 -4.68
N VAL B 145 8.61 -4.86 -5.72
CA VAL B 145 9.96 -5.05 -6.24
C VAL B 145 11.00 -4.96 -5.10
N GLY B 146 10.84 -3.97 -4.23
CA GLY B 146 11.77 -3.72 -3.13
C GLY B 146 11.79 -4.76 -2.02
N SER B 147 10.64 -5.38 -1.75
CA SER B 147 10.54 -6.39 -0.70
C SER B 147 10.75 -7.80 -1.26
N MET B 148 10.54 -7.97 -2.56
CA MET B 148 10.83 -9.26 -3.22
C MET B 148 12.33 -9.48 -3.39
N ALA B 149 13.09 -8.39 -3.35
CA ALA B 149 14.54 -8.41 -3.55
C ALA B 149 15.30 -9.30 -2.55
N PHE B 150 14.74 -9.49 -1.35
CA PHE B 150 15.36 -10.33 -0.32
C PHE B 150 14.42 -11.43 0.18
N SER B 151 13.41 -11.74 -0.63
CA SER B 151 12.48 -12.80 -0.31
C SER B 151 12.95 -14.11 -0.95
N GLY B 152 12.35 -15.22 -0.54
CA GLY B 152 12.75 -16.53 -1.04
C GLY B 152 11.61 -17.42 -1.47
N HIS B 153 10.39 -16.91 -1.39
CA HIS B 153 9.18 -17.68 -1.74
C HIS B 153 9.01 -17.82 -3.27
N SER B 154 8.04 -18.65 -3.66
CA SER B 154 7.70 -18.91 -5.08
C SER B 154 7.10 -17.69 -5.80
N VAL B 155 6.34 -16.87 -5.07
CA VAL B 155 5.78 -15.62 -5.60
C VAL B 155 6.90 -14.67 -6.04
N GLN B 156 8.00 -14.73 -5.29
CA GLN B 156 9.16 -13.86 -5.51
C GLN B 156 10.27 -14.52 -6.34
N ALA B 157 10.05 -15.79 -6.70
CA ALA B 157 11.04 -16.58 -7.43
C ALA B 157 11.48 -15.95 -8.75
N ASP B 158 10.55 -15.25 -9.40
CA ASP B 158 10.79 -14.69 -10.72
C ASP B 158 11.18 -13.20 -10.72
N ALA B 159 11.61 -12.69 -9.57
CA ALA B 159 11.95 -11.25 -9.42
C ALA B 159 13.43 -10.97 -9.16
N ALA B 160 13.82 -9.73 -9.42
CA ALA B 160 15.19 -9.27 -9.23
C ALA B 160 15.59 -9.33 -7.76
N LYS B 161 16.63 -10.10 -7.46
CA LYS B 161 17.09 -10.25 -6.08
C LYS B 161 18.21 -9.26 -5.76
N ALA B 162 18.24 -8.80 -4.51
CA ALA B 162 19.32 -7.94 -4.05
C ALA B 162 20.67 -8.59 -4.33
N ASP B 163 21.62 -7.81 -4.82
CA ASP B 163 23.00 -8.24 -4.86
C ASP B 163 23.48 -8.28 -3.41
N GLY B 164 24.16 -9.34 -3.03
CA GLY B 164 24.55 -9.51 -1.64
C GLY B 164 23.44 -10.12 -0.78
N LEU B 165 22.44 -10.71 -1.44
CA LEU B 165 21.45 -11.54 -0.78
C LEU B 165 22.10 -12.86 -0.42
N ILE B 166 21.92 -13.27 0.82
CA ILE B 166 22.39 -14.55 1.33
C ILE B 166 21.17 -15.28 1.89
N LEU B 167 20.94 -16.49 1.35
CA LEU B 167 19.82 -17.31 1.76
C LEU B 167 20.25 -18.51 2.60
N LEU B 168 19.63 -18.63 3.77
CA LEU B 168 19.86 -19.76 4.67
C LEU B 168 18.65 -20.66 4.72
N PRO B 169 18.86 -21.99 4.84
CA PRO B 169 17.74 -22.88 5.09
C PRO B 169 17.05 -22.52 6.40
N TYR B 170 15.73 -22.61 6.43
CA TYR B 170 14.99 -22.39 7.66
C TYR B 170 15.12 -23.62 8.58
N PRO B 171 15.33 -23.40 9.88
CA PRO B 171 15.36 -24.48 10.88
C PRO B 171 14.02 -25.25 11.04
N ASP B 172 13.74 -26.18 10.13
CA ASP B 172 12.47 -26.89 10.14
C ASP B 172 12.61 -28.21 10.89
N PRO B 173 11.96 -28.33 12.08
CA PRO B 173 12.02 -29.56 12.86
C PRO B 173 11.53 -30.78 12.07
N TYR B 174 10.49 -30.58 11.27
CA TYR B 174 9.90 -31.68 10.50
C TYR B 174 10.75 -32.12 9.31
N ARG B 175 11.57 -31.21 8.79
CA ARG B 175 12.45 -31.52 7.67
C ARG B 175 13.86 -30.93 7.89
N PRO B 176 14.58 -31.39 8.95
CA PRO B 176 15.82 -30.73 9.35
C PRO B 176 16.86 -30.67 8.25
N TYR B 177 17.43 -29.49 8.05
CA TYR B 177 18.50 -29.29 7.09
C TYR B 177 19.68 -30.23 7.37
N ARG B 178 20.06 -31.02 6.37
CA ARG B 178 21.19 -31.94 6.46
C ARG B 178 20.97 -32.97 7.58
N ASN B 179 19.69 -33.24 7.85
CA ASN B 179 19.19 -34.11 8.92
C ASN B 179 19.64 -33.77 10.37
N ASP B 180 20.22 -32.58 10.56
CA ASP B 180 20.60 -32.06 11.86
C ASP B 180 19.43 -31.35 12.58
N PRO B 181 18.83 -32.02 13.59
CA PRO B 181 17.66 -31.48 14.30
C PRO B 181 17.94 -30.26 15.19
N THR B 182 19.20 -30.07 15.58
CA THR B 182 19.61 -28.95 16.44
C THR B 182 19.61 -27.60 15.71
N GLY B 183 19.73 -27.64 14.39
CA GLY B 183 19.88 -26.45 13.57
C GLY B 183 21.31 -25.93 13.49
N ASP B 184 22.25 -26.69 14.07
CA ASP B 184 23.67 -26.30 14.12
C ASP B 184 24.29 -26.18 12.73
N ALA B 185 23.90 -27.06 11.82
CA ALA B 185 24.41 -27.01 10.46
C ALA B 185 24.09 -25.69 9.74
N ILE B 186 22.96 -25.07 10.09
CA ILE B 186 22.55 -23.81 9.46
C ILE B 186 23.38 -22.64 9.98
N LEU B 187 23.65 -22.62 11.28
CA LEU B 187 24.50 -21.58 11.88
C LEU B 187 25.95 -21.75 11.45
N THR B 188 26.32 -22.99 11.14
CA THR B 188 27.60 -23.35 10.56
C THR B 188 27.71 -22.85 9.12
N LEU B 189 26.61 -22.99 8.37
CA LEU B 189 26.55 -22.53 6.99
C LEU B 189 26.65 -21.01 6.97
N LEU B 190 25.91 -20.36 7.89
CA LEU B 190 25.92 -18.92 8.08
C LEU B 190 27.33 -18.39 8.26
N THR B 191 28.09 -19.10 9.10
CA THR B 191 29.45 -18.74 9.46
C THR B 191 30.38 -18.75 8.26
N GLU B 192 30.20 -19.76 7.41
CA GLU B 192 30.94 -19.88 6.15
C GLU B 192 30.52 -18.82 5.14
N LYS B 193 29.25 -18.39 5.21
CA LYS B 193 28.75 -17.38 4.28
C LYS B 193 29.31 -16.00 4.59
N LEU B 194 29.32 -15.65 5.87
CA LEU B 194 29.81 -14.37 6.35
C LEU B 194 31.28 -14.08 6.02
N ALA B 195 32.09 -15.14 5.96
CA ALA B 195 33.51 -15.02 5.70
C ALA B 195 33.88 -15.18 4.22
N ALA B 196 32.91 -15.57 3.38
CA ALA B 196 33.10 -15.54 1.93
C ALA B 196 32.73 -14.15 1.39
N VAL B 197 32.50 -13.22 2.32
CA VAL B 197 31.99 -11.90 1.98
C VAL B 197 32.74 -10.86 2.83
N PRO B 198 33.00 -9.65 2.28
CA PRO B 198 33.74 -8.63 3.04
C PRO B 198 33.15 -8.34 4.41
N ALA B 199 34.02 -8.20 5.41
CA ALA B 199 33.59 -7.83 6.75
C ALA B 199 32.82 -6.53 6.71
N GLY B 200 31.76 -6.46 7.50
CA GLY B 200 30.92 -5.26 7.59
C GLY B 200 30.03 -4.96 6.39
N SER B 201 29.92 -5.89 5.44
CA SER B 201 29.14 -5.65 4.24
C SER B 201 27.63 -5.89 4.38
N ILE B 202 27.24 -6.78 5.29
CA ILE B 202 25.83 -7.11 5.55
C ILE B 202 25.23 -6.10 6.52
N GLY B 203 24.17 -5.42 6.10
CA GLY B 203 23.49 -4.50 6.99
C GLY B 203 22.36 -5.11 7.79
N ALA B 204 21.69 -6.13 7.23
CA ALA B 204 20.44 -6.61 7.78
C ALA B 204 20.25 -8.12 7.69
N ALA B 205 19.48 -8.64 8.65
CA ALA B 205 19.06 -10.04 8.66
C ALA B 205 17.55 -10.06 8.87
N PHE B 206 16.83 -10.57 7.88
CA PHE B 206 15.35 -10.66 7.96
C PHE B 206 14.88 -12.02 8.47
N ILE B 207 14.11 -11.97 9.55
CA ILE B 207 13.65 -13.16 10.27
C ILE B 207 12.13 -13.21 10.36
N GLU B 208 11.55 -14.32 9.94
CA GLU B 208 10.20 -14.68 10.37
C GLU B 208 10.34 -15.62 11.57
N PRO B 209 9.76 -15.25 12.73
CA PRO B 209 9.88 -16.03 13.97
C PRO B 209 9.08 -17.33 13.92
N ILE B 210 8.06 -17.34 13.04
CA ILE B 210 7.38 -18.54 12.54
C ILE B 210 7.27 -18.25 11.05
N GLN B 211 7.83 -19.12 10.21
CA GLN B 211 7.80 -18.93 8.77
C GLN B 211 6.43 -19.23 8.19
N SER B 212 5.82 -18.20 7.60
CA SER B 212 4.46 -18.25 7.08
C SER B 212 4.33 -19.10 5.81
N ASP B 213 4.57 -18.50 4.66
CA ASP B 213 4.35 -19.13 3.35
C ASP B 213 5.26 -20.31 3.09
N GLY B 214 6.38 -20.38 3.82
CA GLY B 214 7.23 -21.56 3.84
C GLY B 214 6.60 -22.79 4.47
N GLY B 215 5.46 -22.60 5.16
CA GLY B 215 4.68 -23.71 5.69
C GLY B 215 4.35 -23.62 7.17
N LEU B 216 4.17 -22.40 7.66
CA LEU B 216 3.86 -22.16 9.08
C LEU B 216 4.82 -22.94 10.00
N ILE B 217 6.11 -22.67 9.83
CA ILE B 217 7.17 -23.42 10.50
C ILE B 217 7.69 -22.74 11.76
N VAL B 218 7.56 -23.44 12.88
CA VAL B 218 8.17 -23.01 14.14
C VAL B 218 9.59 -23.57 14.15
N PRO B 219 10.59 -22.68 14.30
CA PRO B 219 12.00 -23.11 14.28
C PRO B 219 12.35 -23.89 15.56
N PRO B 220 13.49 -24.63 15.56
CA PRO B 220 13.95 -25.35 16.75
C PRO B 220 14.18 -24.38 17.87
N ASP B 221 13.85 -24.81 19.08
CA ASP B 221 13.98 -23.97 20.26
C ASP B 221 15.44 -23.51 20.37
N GLY B 222 15.63 -22.25 20.72
CA GLY B 222 16.98 -21.68 20.93
C GLY B 222 17.76 -21.29 19.69
N PHE B 223 17.28 -21.66 18.50
CA PHE B 223 18.00 -21.35 17.25
C PHE B 223 18.07 -19.85 16.96
N LEU B 224 16.94 -19.16 17.02
CA LEU B 224 16.88 -17.75 16.64
C LEU B 224 17.74 -16.85 17.53
N ARG B 225 17.77 -17.17 18.82
CA ARG B 225 18.64 -16.48 19.77
C ARG B 225 20.11 -16.64 19.35
N LYS B 226 20.51 -17.85 19.00
CA LYS B 226 21.87 -18.12 18.51
C LYS B 226 22.13 -17.37 17.20
N PHE B 227 21.14 -17.39 16.31
CA PHE B 227 21.22 -16.66 15.05
C PHE B 227 21.37 -15.16 15.28
N ALA B 228 20.53 -14.60 16.15
CA ALA B 228 20.62 -13.18 16.49
C ALA B 228 21.98 -12.80 17.08
N ASP B 229 22.60 -13.73 17.80
CA ASP B 229 23.89 -13.48 18.46
C ASP B 229 25.00 -13.37 17.45
N ILE B 230 24.96 -14.24 16.44
CA ILE B 230 25.92 -14.23 15.34
C ILE B 230 25.82 -12.94 14.51
N CYS B 231 24.58 -12.48 14.33
CA CYS B 231 24.30 -11.22 13.64
C CYS B 231 24.81 -10.00 14.42
N ARG B 232 24.38 -9.86 15.67
CA ARG B 232 24.82 -8.78 16.55
C ARG B 232 26.35 -8.69 16.69
N ALA B 233 27.03 -9.84 16.68
CA ALA B 233 28.48 -9.91 16.73
C ALA B 233 29.17 -9.50 15.41
N HIS B 234 28.39 -9.45 14.33
CA HIS B 234 28.94 -9.09 13.02
C HIS B 234 28.44 -7.73 12.55
N GLY B 235 27.79 -6.98 13.45
CA GLY B 235 27.30 -5.64 13.17
C GLY B 235 26.02 -5.57 12.34
N ILE B 236 25.40 -6.73 12.15
CA ILE B 236 24.20 -6.89 11.32
C ILE B 236 22.93 -6.62 12.13
N LEU B 237 22.10 -5.70 11.65
CA LEU B 237 20.81 -5.42 12.28
C LEU B 237 19.82 -6.56 12.07
N VAL B 238 19.11 -6.94 13.13
CA VAL B 238 18.18 -8.08 13.09
C VAL B 238 16.75 -7.59 12.92
N VAL B 239 16.13 -7.95 11.80
CA VAL B 239 14.78 -7.50 11.49
C VAL B 239 13.79 -8.65 11.62
N CYS B 240 12.85 -8.47 12.54
CA CYS B 240 11.85 -9.46 12.82
C CYS B 240 10.54 -9.07 12.10
N ASP B 241 10.21 -9.86 11.08
CA ASP B 241 9.03 -9.66 10.29
C ASP B 241 7.89 -10.35 11.02
N GLU B 242 7.11 -9.57 11.77
CA GLU B 242 5.93 -10.11 12.47
C GLU B 242 4.61 -9.62 11.86
N VAL B 243 4.59 -9.48 10.54
CA VAL B 243 3.39 -9.09 9.80
C VAL B 243 2.31 -10.17 9.97
N LYS B 244 2.69 -11.44 9.78
CA LYS B 244 1.76 -12.57 9.89
C LYS B 244 1.49 -12.98 11.33
N VAL B 245 2.55 -13.03 12.13
CA VAL B 245 2.55 -13.78 13.35
C VAL B 245 2.66 -12.88 14.59
N GLY B 246 2.42 -11.59 14.41
CA GLY B 246 2.59 -10.61 15.46
C GLY B 246 1.32 -10.24 16.16
N LEU B 247 1.45 -9.34 17.14
CA LEU B 247 0.33 -8.77 17.89
C LEU B 247 -0.68 -9.79 18.43
N ALA B 248 -0.29 -10.44 19.52
CA ALA B 248 -1.11 -11.39 20.28
C ALA B 248 -1.25 -12.79 19.66
N ARG B 249 -1.06 -12.91 18.34
CA ARG B 249 -1.44 -14.14 17.63
C ARG B 249 -0.68 -15.38 18.14
N SER B 250 0.57 -15.19 18.53
CA SER B 250 1.46 -16.27 18.99
C SER B 250 1.21 -16.75 20.41
N GLY B 251 0.32 -16.08 21.13
CA GLY B 251 0.10 -16.39 22.54
C GLY B 251 0.83 -15.40 23.44
N ARG B 252 1.69 -14.59 22.82
CA ARG B 252 2.37 -13.45 23.43
C ARG B 252 2.10 -12.27 22.50
N LEU B 253 2.19 -11.06 23.03
CA LEU B 253 2.01 -9.84 22.21
C LEU B 253 2.94 -9.83 21.00
N HIS B 254 4.24 -10.05 21.24
CA HIS B 254 5.21 -10.14 20.16
C HIS B 254 5.74 -11.55 20.13
N CYS B 255 5.83 -12.12 18.93
CA CYS B 255 6.30 -13.49 18.79
C CYS B 255 7.77 -13.72 19.24
N PHE B 256 8.59 -12.68 19.21
CA PHE B 256 9.98 -12.82 19.66
C PHE B 256 10.10 -13.08 21.17
N GLU B 257 9.06 -12.73 21.93
CA GLU B 257 9.01 -13.05 23.36
C GLU B 257 9.18 -14.56 23.63
N HIS B 258 8.91 -15.40 22.61
CA HIS B 258 9.05 -16.85 22.72
C HIS B 258 10.50 -17.32 22.51
N GLU B 259 11.32 -16.49 21.87
CA GLU B 259 12.63 -16.96 21.39
C GLU B 259 13.86 -16.42 22.17
N GLY B 260 13.61 -15.59 23.18
CA GLY B 260 14.69 -15.17 24.08
C GLY B 260 15.70 -14.21 23.47
N PHE B 261 15.23 -13.39 22.52
CA PHE B 261 16.03 -12.31 21.94
C PHE B 261 15.09 -11.17 21.59
N VAL B 262 15.63 -9.95 21.52
CA VAL B 262 14.85 -8.78 21.09
C VAL B 262 15.43 -8.30 19.77
N PRO B 263 14.58 -8.11 18.74
CA PRO B 263 15.10 -7.64 17.46
C PRO B 263 15.46 -6.14 17.49
N ASP B 264 16.38 -5.74 16.62
CA ASP B 264 16.69 -4.33 16.43
C ASP B 264 15.51 -3.60 15.80
N ILE B 265 14.84 -4.27 14.86
CA ILE B 265 13.73 -3.68 14.11
C ILE B 265 12.55 -4.65 14.06
N LEU B 266 11.36 -4.14 14.36
CA LEU B 266 10.15 -4.93 14.27
C LEU B 266 9.24 -4.45 13.12
N VAL B 267 8.82 -5.37 12.25
CA VAL B 267 7.88 -5.07 11.16
C VAL B 267 6.49 -5.63 11.43
N LEU B 268 5.48 -4.76 11.34
CA LEU B 268 4.09 -5.11 11.62
C LEU B 268 3.21 -4.86 10.39
N GLY B 269 2.08 -5.55 10.33
CA GLY B 269 1.10 -5.40 9.24
C GLY B 269 -0.09 -6.31 9.42
N LYS B 270 -0.75 -6.65 8.30
CA LYS B 270 -1.95 -7.49 8.28
C LYS B 270 -2.94 -7.15 9.41
N GLY B 271 -2.96 -8.00 10.43
CA GLY B 271 -3.82 -7.84 11.62
C GLY B 271 -3.74 -6.52 12.37
N LEU B 272 -2.64 -5.77 12.19
CA LEU B 272 -2.49 -4.43 12.81
C LEU B 272 -3.66 -3.52 12.44
N GLY B 273 -4.11 -3.59 11.19
CA GLY B 273 -5.18 -2.70 10.71
C GLY B 273 -6.60 -3.21 10.94
N GLY B 274 -6.72 -4.44 11.42
CA GLY B 274 -8.03 -5.06 11.67
C GLY B 274 -8.99 -5.13 10.48
N GLY B 275 -8.45 -5.01 9.26
CA GLY B 275 -9.28 -4.98 8.06
C GLY B 275 -9.09 -3.76 7.16
N LEU B 276 -8.39 -2.75 7.70
CA LEU B 276 -7.96 -1.57 6.94
C LEU B 276 -6.45 -1.74 6.63
N PRO B 277 -5.96 -1.18 5.51
CA PRO B 277 -4.52 -1.30 5.22
C PRO B 277 -3.67 -0.51 6.24
N LEU B 278 -2.76 -1.20 6.93
CA LEU B 278 -1.85 -0.57 7.88
C LEU B 278 -0.67 -1.48 8.20
N SER B 279 0.52 -0.88 8.20
CA SER B 279 1.73 -1.52 8.65
C SER B 279 2.59 -0.52 9.42
N ALA B 280 3.61 -1.03 10.09
CA ALA B 280 4.50 -0.16 10.85
C ALA B 280 5.87 -0.77 10.94
N VAL B 281 6.88 0.11 10.97
CA VAL B 281 8.24 -0.31 11.32
C VAL B 281 8.66 0.37 12.63
N ILE B 282 9.09 -0.44 13.59
CA ILE B 282 9.70 0.03 14.82
C ILE B 282 11.21 -0.21 14.68
N ALA B 283 11.97 0.88 14.59
CA ALA B 283 13.37 0.81 14.27
C ALA B 283 14.16 1.83 15.09
N PRO B 284 15.47 1.62 15.28
CA PRO B 284 16.21 2.63 16.04
C PRO B 284 16.12 4.00 15.35
N ALA B 285 16.08 5.06 16.16
CA ALA B 285 15.95 6.44 15.69
C ALA B 285 16.93 6.83 14.59
N GLU B 286 18.18 6.42 14.74
CA GLU B 286 19.24 6.69 13.76
C GLU B 286 18.87 6.18 12.37
N ILE B 287 18.22 5.02 12.32
CA ILE B 287 17.85 4.40 11.05
C ILE B 287 16.73 5.17 10.35
N LEU B 288 15.69 5.55 11.11
CA LEU B 288 14.53 6.25 10.55
C LEU B 288 14.70 7.76 10.36
N ASP B 289 15.72 8.33 11.00
CA ASP B 289 15.98 9.78 10.93
C ASP B 289 17.09 10.17 9.96
N CYS B 290 17.69 9.18 9.31
CA CYS B 290 18.84 9.40 8.44
C CYS B 290 18.52 10.17 7.16
N ALA B 291 17.23 10.20 6.79
CA ALA B 291 16.79 10.93 5.60
C ALA B 291 15.37 11.41 5.83
N SER B 292 14.98 12.46 5.11
CA SER B 292 13.59 12.89 5.15
C SER B 292 13.00 12.77 3.75
N ALA B 293 11.67 12.82 3.65
CA ALA B 293 10.94 12.58 2.41
C ALA B 293 11.56 11.49 1.54
N PHE B 294 11.92 10.37 2.18
CA PHE B 294 12.67 9.30 1.52
C PHE B 294 11.81 8.12 1.10
N ALA B 295 10.99 7.62 2.02
CA ALA B 295 10.16 6.45 1.76
C ALA B 295 8.74 6.79 2.14
N MET B 296 7.95 7.19 1.15
CA MET B 296 6.66 7.84 1.43
C MET B 296 5.59 7.65 0.37
N GLN B 297 4.37 7.47 0.85
CA GLN B 297 3.20 7.36 0.03
C GLN B 297 2.11 8.18 0.68
N THR B 298 1.37 8.89 -0.16
CA THR B 298 0.41 9.94 0.22
C THR B 298 -0.46 9.62 1.44
N LEU B 299 -1.06 8.45 1.46
CA LEU B 299 -2.02 8.09 2.49
C LEU B 299 -1.37 7.31 3.63
N HIS B 300 -0.05 7.32 3.70
CA HIS B 300 0.65 6.72 4.84
C HIS B 300 0.31 7.53 6.09
N GLY B 301 -0.09 6.83 7.15
CA GLY B 301 -0.46 7.47 8.41
C GLY B 301 -1.81 8.16 8.36
N ASN B 302 -2.62 7.82 7.37
CA ASN B 302 -3.98 8.37 7.30
C ASN B 302 -4.71 8.04 8.60
N PRO B 303 -5.57 8.96 9.08
CA PRO B 303 -6.18 8.83 10.41
C PRO B 303 -7.22 7.73 10.56
N ILE B 304 -7.80 7.27 9.45
CA ILE B 304 -8.78 6.19 9.52
C ILE B 304 -8.08 4.83 9.76
N SER B 305 -7.03 4.54 9.00
CA SER B 305 -6.24 3.32 9.21
C SER B 305 -5.60 3.31 10.61
N ALA B 306 -5.18 4.49 11.04
CA ALA B 306 -4.56 4.73 12.33
C ALA B 306 -5.55 4.53 13.48
N ALA B 307 -6.79 4.97 13.30
CA ALA B 307 -7.83 4.74 14.31
C ALA B 307 -8.11 3.26 14.55
N ALA B 308 -8.13 2.47 13.47
CA ALA B 308 -8.34 1.03 13.55
C ALA B 308 -7.18 0.33 14.22
N GLY B 309 -5.96 0.75 13.85
CA GLY B 309 -4.74 0.23 14.46
C GLY B 309 -4.82 0.31 15.98
N LEU B 310 -5.24 1.48 16.47
CA LEU B 310 -5.47 1.76 17.89
C LEU B 310 -6.56 0.88 18.51
N ALA B 311 -7.67 0.71 17.79
CA ALA B 311 -8.76 -0.18 18.23
C ALA B 311 -8.29 -1.61 18.38
N VAL B 312 -7.36 -2.02 17.52
CA VAL B 312 -6.77 -3.36 17.58
C VAL B 312 -5.91 -3.52 18.85
N LEU B 313 -5.04 -2.55 19.12
CA LEU B 313 -4.14 -2.64 20.27
C LEU B 313 -4.87 -2.46 21.60
N GLU B 314 -5.91 -1.63 21.59
CA GLU B 314 -6.71 -1.38 22.80
C GLU B 314 -7.55 -2.60 23.12
N THR B 315 -8.05 -3.27 22.08
CA THR B 315 -8.78 -4.52 22.24
C THR B 315 -7.86 -5.66 22.70
N ILE B 316 -6.69 -5.79 22.07
CA ILE B 316 -5.69 -6.78 22.50
C ILE B 316 -5.42 -6.68 24.00
N ASP B 317 -5.27 -5.45 24.46
CA ASP B 317 -5.03 -5.14 25.86
C ASP B 317 -6.26 -5.45 26.74
N ARG B 318 -7.40 -4.90 26.35
CA ARG B 318 -8.64 -5.04 27.10
C ARG B 318 -9.14 -6.49 27.23
N ASP B 319 -9.06 -7.25 26.14
CA ASP B 319 -9.55 -8.64 26.13
C ASP B 319 -8.45 -9.65 26.46
N ASP B 320 -7.27 -9.17 26.84
CA ASP B 320 -6.06 -10.03 26.96
C ASP B 320 -6.04 -11.06 25.83
N LEU B 321 -5.91 -10.57 24.60
CA LEU B 321 -5.97 -11.45 23.44
C LEU B 321 -4.78 -12.40 23.31
N PRO B 322 -3.57 -12.02 23.82
CA PRO B 322 -2.51 -13.02 23.86
C PRO B 322 -2.88 -14.31 24.64
N ALA B 323 -3.50 -14.13 25.81
CA ALA B 323 -3.89 -15.26 26.66
C ALA B 323 -5.02 -16.06 26.02
N MET B 324 -5.97 -15.35 25.40
CA MET B 324 -7.03 -15.98 24.59
C MET B 324 -6.48 -16.83 23.46
N ALA B 325 -5.53 -16.27 22.70
CA ALA B 325 -4.90 -16.97 21.57
C ALA B 325 -4.13 -18.20 22.00
N GLU B 326 -3.46 -18.13 23.15
CA GLU B 326 -2.69 -19.26 23.65
C GLU B 326 -3.61 -20.43 23.98
N ARG B 327 -4.71 -20.15 24.65
CA ARG B 327 -5.69 -21.17 25.00
C ARG B 327 -6.50 -21.69 23.82
N LYS B 328 -7.09 -20.80 23.03
CA LYS B 328 -7.84 -21.20 21.84
C LYS B 328 -6.95 -21.98 20.86
N GLY B 329 -5.67 -21.64 20.86
CA GLY B 329 -4.69 -22.35 20.04
C GLY B 329 -4.42 -23.77 20.51
N ARG B 330 -4.34 -23.97 21.82
CA ARG B 330 -4.21 -25.33 22.38
C ARG B 330 -5.46 -26.12 22.06
N LEU B 331 -6.62 -25.50 22.29
CA LEU B 331 -7.89 -26.12 21.95
C LEU B 331 -7.94 -26.57 20.48
N LEU B 332 -7.50 -25.69 19.58
CA LEU B 332 -7.45 -26.02 18.15
C LEU B 332 -6.46 -27.13 17.84
N ARG B 333 -5.24 -27.04 18.37
CA ARG B 333 -4.22 -28.05 18.08
C ARG B 333 -4.51 -29.42 18.73
N ASP B 334 -5.25 -29.41 19.83
CA ASP B 334 -5.74 -30.65 20.46
C ASP B 334 -6.73 -31.34 19.54
N GLY B 335 -7.70 -30.57 19.05
CA GLY B 335 -8.68 -31.06 18.10
C GLY B 335 -8.06 -31.58 16.82
N LEU B 336 -6.96 -30.95 16.39
CA LEU B 336 -6.25 -31.40 15.19
C LEU B 336 -5.48 -32.68 15.44
N SER B 337 -4.94 -32.81 16.65
CA SER B 337 -4.30 -34.06 17.11
C SER B 337 -5.31 -35.22 17.16
N GLU B 338 -6.55 -34.90 17.52
CA GLU B 338 -7.65 -35.85 17.50
C GLU B 338 -7.98 -36.30 16.07
N LEU B 339 -7.91 -35.38 15.12
CA LEU B 339 -8.04 -35.68 13.69
C LEU B 339 -6.87 -36.51 13.16
N ALA B 340 -5.67 -36.25 13.68
CA ALA B 340 -4.48 -37.03 13.31
C ALA B 340 -4.63 -38.52 13.62
N LYS B 341 -5.27 -38.84 14.75
CA LYS B 341 -5.53 -40.24 15.16
C LYS B 341 -6.49 -40.97 14.22
N ARG B 342 -7.14 -40.23 13.34
CA ARG B 342 -8.16 -40.79 12.47
C ARG B 342 -7.80 -40.73 11.00
N HIS B 343 -7.02 -39.72 10.61
CA HIS B 343 -6.64 -39.50 9.22
C HIS B 343 -5.13 -39.51 9.03
N PRO B 344 -4.60 -40.62 8.47
CA PRO B 344 -3.16 -40.84 8.18
C PRO B 344 -2.46 -39.77 7.32
N LEU B 345 -3.22 -38.90 6.65
CA LEU B 345 -2.63 -37.82 5.85
C LEU B 345 -1.93 -36.77 6.71
N ILE B 346 -2.52 -36.46 7.86
CA ILE B 346 -1.94 -35.55 8.85
C ILE B 346 -0.58 -36.06 9.36
N GLY B 347 0.49 -35.50 8.81
CA GLY B 347 1.86 -35.84 9.22
C GLY B 347 2.41 -35.00 10.37
N ASP B 348 2.05 -33.72 10.41
CA ASP B 348 2.60 -32.80 11.42
C ASP B 348 1.64 -31.66 11.78
N ILE B 349 1.55 -31.39 13.08
CA ILE B 349 0.77 -30.27 13.60
C ILE B 349 1.69 -29.37 14.41
N ARG B 350 1.76 -28.10 14.03
CA ARG B 350 2.70 -27.15 14.63
C ARG B 350 2.07 -25.76 14.79
N GLY B 351 2.73 -24.90 15.55
CA GLY B 351 2.27 -23.54 15.68
C GLY B 351 2.29 -23.02 17.09
N ARG B 352 2.07 -21.71 17.23
CA ARG B 352 1.93 -21.08 18.53
C ARG B 352 0.65 -20.28 18.49
N GLY B 353 -0.11 -20.33 19.56
CA GLY B 353 -1.35 -19.59 19.65
C GLY B 353 -2.27 -19.88 18.48
N LEU B 354 -2.83 -18.82 17.92
CA LEU B 354 -3.71 -18.92 16.77
C LEU B 354 -2.97 -18.74 15.44
N ALA B 355 -1.72 -19.18 15.43
CA ALA B 355 -0.96 -19.39 14.21
C ALA B 355 -0.55 -20.85 14.14
N CYS B 356 -1.37 -21.67 13.47
CA CYS B 356 -1.14 -23.11 13.38
C CYS B 356 -1.00 -23.66 11.95
N GLY B 357 -0.15 -24.67 11.81
CA GLY B 357 0.08 -25.34 10.55
C GLY B 357 -0.17 -26.82 10.69
N MET B 358 -0.76 -27.42 9.66
CA MET B 358 -0.95 -28.85 9.61
C MET B 358 -0.45 -29.36 8.26
N GLU B 359 0.66 -30.10 8.30
CA GLU B 359 1.26 -30.63 7.10
C GLU B 359 0.71 -32.01 6.77
N LEU B 360 0.30 -32.16 5.51
CA LEU B 360 -0.26 -33.39 5.03
C LEU B 360 0.75 -34.09 4.13
N VAL B 361 0.92 -35.40 4.34
CA VAL B 361 1.92 -36.18 3.61
C VAL B 361 1.33 -37.47 3.08
N CYS B 362 1.92 -37.98 2.00
CA CYS B 362 1.49 -39.26 1.42
C CYS B 362 1.79 -40.44 2.34
N ASP B 363 2.99 -40.44 2.92
CA ASP B 363 3.40 -41.45 3.88
C ASP B 363 3.97 -40.76 5.12
N ARG B 364 3.55 -41.21 6.30
CA ARG B 364 3.99 -40.63 7.58
C ARG B 364 5.48 -40.82 7.92
N GLN B 365 6.10 -41.83 7.31
CA GLN B 365 7.50 -42.15 7.57
C GLN B 365 8.47 -41.34 6.71
N SER B 366 8.28 -41.40 5.40
CA SER B 366 9.11 -40.70 4.43
C SER B 366 8.70 -39.22 4.27
N ARG B 367 7.53 -38.89 4.80
CA ARG B 367 6.89 -37.56 4.68
C ARG B 367 6.96 -36.87 3.29
N GLU B 368 6.59 -37.60 2.25
CA GLU B 368 6.43 -37.04 0.92
C GLU B 368 5.17 -36.18 0.90
N PRO B 369 5.25 -34.95 0.34
CA PRO B 369 4.13 -34.01 0.38
C PRO B 369 2.91 -34.45 -0.44
N ALA B 370 1.74 -34.42 0.19
CA ALA B 370 0.48 -34.77 -0.48
C ALA B 370 -0.19 -33.53 -1.07
N ARG B 371 0.28 -33.10 -2.24
CA ARG B 371 -0.20 -31.86 -2.85
C ARG B 371 -1.65 -31.92 -3.35
N ALA B 372 -1.96 -33.00 -4.07
CA ALA B 372 -3.29 -33.17 -4.67
C ALA B 372 -4.40 -33.27 -3.63
N GLU B 373 -4.13 -33.98 -2.53
CA GLU B 373 -5.11 -34.15 -1.45
C GLU B 373 -5.40 -32.85 -0.69
N THR B 374 -4.35 -32.06 -0.46
CA THR B 374 -4.44 -30.75 0.19
C THR B 374 -5.38 -29.79 -0.56
N ALA B 375 -5.19 -29.70 -1.87
CA ALA B 375 -6.07 -28.88 -2.73
C ALA B 375 -7.51 -29.39 -2.69
N LYS B 376 -7.69 -30.70 -2.77
CA LYS B 376 -9.04 -31.30 -2.69
C LYS B 376 -9.66 -31.08 -1.33
N LEU B 377 -8.84 -31.16 -0.28
CA LEU B 377 -9.26 -30.95 1.09
C LEU B 377 -9.91 -29.58 1.31
N ILE B 378 -9.22 -28.52 0.92
CA ILE B 378 -9.74 -27.17 1.22
C ILE B 378 -10.93 -26.80 0.34
N TYR B 379 -10.91 -27.33 -0.90
CA TYR B 379 -12.05 -27.21 -1.80
C TYR B 379 -13.30 -27.85 -1.19
N ARG B 380 -13.15 -29.08 -0.69
CA ARG B 380 -14.25 -29.75 0.03
C ARG B 380 -14.65 -28.98 1.30
N ALA B 381 -13.66 -28.56 2.09
CA ALA B 381 -13.92 -27.74 3.28
C ALA B 381 -14.76 -26.53 2.93
N TYR B 382 -14.42 -25.85 1.83
CA TYR B 382 -15.20 -24.72 1.35
C TYR B 382 -16.65 -25.14 1.11
N GLN B 383 -16.87 -26.22 0.36
CA GLN B 383 -18.22 -26.72 0.09
C GLN B 383 -19.00 -27.02 1.36
N LEU B 384 -18.31 -27.50 2.40
CA LEU B 384 -18.95 -27.76 3.68
C LEU B 384 -19.20 -26.51 4.54
N GLY B 385 -18.61 -25.38 4.16
CA GLY B 385 -18.83 -24.13 4.90
C GLY B 385 -17.69 -23.74 5.82
N LEU B 386 -16.48 -24.14 5.46
CA LEU B 386 -15.29 -23.82 6.22
C LEU B 386 -14.25 -23.23 5.28
N VAL B 387 -13.77 -22.02 5.59
CA VAL B 387 -12.72 -21.40 4.79
C VAL B 387 -11.34 -21.63 5.41
N VAL B 388 -10.48 -22.30 4.66
CA VAL B 388 -9.10 -22.58 5.07
C VAL B 388 -8.26 -22.72 3.81
N TYR B 389 -7.04 -22.16 3.85
CA TYR B 389 -6.13 -22.19 2.70
C TYR B 389 -4.91 -23.04 3.01
N TYR B 390 -4.17 -23.41 1.97
CA TYR B 390 -2.89 -24.08 2.20
C TYR B 390 -1.72 -23.20 1.77
N VAL B 391 -0.57 -23.46 2.38
CA VAL B 391 0.67 -22.80 2.04
C VAL B 391 1.76 -23.85 1.87
N GLY B 392 2.99 -23.39 1.66
CA GLY B 392 4.16 -24.23 1.67
C GLY B 392 4.81 -24.29 0.31
N MET B 393 6.10 -24.60 0.32
CA MET B 393 6.85 -24.85 -0.90
C MET B 393 6.23 -26.01 -1.69
N ASN B 394 5.62 -26.97 -0.98
CA ASN B 394 5.03 -28.14 -1.63
C ASN B 394 3.49 -28.12 -1.72
N GLY B 395 2.88 -27.01 -1.30
CA GLY B 395 1.43 -26.87 -1.31
C GLY B 395 0.71 -27.94 -0.52
N ASN B 396 1.26 -28.29 0.64
CA ASN B 396 0.73 -29.38 1.44
C ASN B 396 0.50 -29.01 2.91
N VAL B 397 0.53 -27.72 3.21
CA VAL B 397 0.40 -27.25 4.59
C VAL B 397 -0.87 -26.43 4.80
N LEU B 398 -1.81 -26.98 5.57
CA LEU B 398 -3.00 -26.25 5.96
C LEU B 398 -2.64 -25.21 7.00
N GLU B 399 -3.13 -23.99 6.77
CA GLU B 399 -2.85 -22.87 7.63
C GLU B 399 -4.10 -22.42 8.37
N PHE B 400 -3.95 -22.24 9.67
CA PHE B 400 -5.04 -21.80 10.53
C PHE B 400 -4.59 -20.51 11.19
N THR B 401 -5.19 -19.41 10.75
CA THR B 401 -4.94 -18.08 11.32
C THR B 401 -6.25 -17.35 11.54
N PRO B 402 -7.14 -17.91 12.39
CA PRO B 402 -8.46 -17.33 12.57
C PRO B 402 -8.49 -15.97 13.29
N PRO B 403 -9.61 -15.23 13.15
CA PRO B 403 -9.82 -14.08 14.01
C PRO B 403 -9.46 -14.45 15.45
N LEU B 404 -8.82 -13.54 16.18
CA LEU B 404 -8.38 -13.84 17.56
C LEU B 404 -9.57 -13.87 18.50
N THR B 405 -10.70 -13.37 18.01
CA THR B 405 -11.92 -13.33 18.77
C THR B 405 -12.83 -14.53 18.45
N ILE B 406 -12.32 -15.50 17.69
CA ILE B 406 -13.05 -16.73 17.36
C ILE B 406 -13.54 -17.47 18.62
N THR B 407 -14.81 -17.85 18.63
CA THR B 407 -15.37 -18.50 19.82
C THR B 407 -15.00 -19.98 19.86
N GLU B 408 -15.02 -20.58 21.06
CA GLU B 408 -14.82 -22.01 21.24
C GLU B 408 -15.78 -22.85 20.38
N THR B 409 -17.05 -22.47 20.37
CA THR B 409 -18.07 -23.11 19.54
C THR B 409 -17.72 -23.10 18.04
N ASP B 410 -17.28 -21.95 17.52
CA ASP B 410 -16.75 -21.85 16.14
C ASP B 410 -15.64 -22.87 15.85
N ILE B 411 -14.71 -23.01 16.80
CA ILE B 411 -13.57 -23.92 16.66
C ILE B 411 -14.06 -25.37 16.61
N HIS B 412 -14.98 -25.72 17.51
CA HIS B 412 -15.60 -27.06 17.51
C HIS B 412 -16.35 -27.35 16.23
N LYS B 413 -17.16 -26.40 15.77
CA LYS B 413 -17.85 -26.52 14.50
C LYS B 413 -16.83 -26.70 13.38
N ALA B 414 -15.76 -25.92 13.43
CA ALA B 414 -14.71 -25.98 12.42
C ALA B 414 -14.00 -27.32 12.40
N LEU B 415 -13.71 -27.85 13.57
CA LEU B 415 -13.08 -29.17 13.68
C LEU B 415 -13.95 -30.29 13.12
N ASP B 416 -15.26 -30.17 13.33
CA ASP B 416 -16.21 -31.16 12.81
C ASP B 416 -16.29 -31.12 11.29
N LEU B 417 -16.30 -29.91 10.72
CA LEU B 417 -16.34 -29.76 9.27
C LEU B 417 -15.03 -30.21 8.63
N LEU B 418 -13.93 -30.02 9.37
CA LEU B 418 -12.61 -30.40 8.90
C LEU B 418 -12.49 -31.92 8.87
N ASP B 419 -12.96 -32.55 9.93
CA ASP B 419 -13.08 -34.00 10.04
C ASP B 419 -13.82 -34.56 8.83
N ARG B 420 -14.99 -33.98 8.56
CA ARG B 420 -15.84 -34.32 7.43
C ARG B 420 -15.17 -34.07 6.09
N ALA B 421 -14.35 -33.02 5.99
CA ALA B 421 -13.68 -32.72 4.73
C ALA B 421 -12.59 -33.75 4.42
N PHE B 422 -11.90 -34.23 5.45
CA PHE B 422 -10.94 -35.33 5.31
C PHE B 422 -11.60 -36.63 4.83
N SER B 423 -12.78 -36.93 5.35
CA SER B 423 -13.49 -38.15 5.00
C SER B 423 -14.00 -38.09 3.58
N GLU B 424 -14.20 -36.86 3.09
CA GLU B 424 -14.92 -36.64 1.83
C GLU B 424 -14.14 -36.00 0.69
N LEU B 425 -12.81 -36.01 0.77
CA LEU B 425 -12.02 -35.27 -0.21
C LEU B 425 -12.04 -35.89 -1.61
N SER B 426 -12.22 -37.20 -1.68
CA SER B 426 -12.28 -37.90 -2.96
C SER B 426 -13.52 -37.52 -3.78
N ALA B 427 -14.47 -36.84 -3.14
CA ALA B 427 -15.61 -36.23 -3.85
C ALA B 427 -15.17 -35.13 -4.83
N VAL B 428 -14.05 -34.47 -4.52
CA VAL B 428 -13.55 -33.37 -5.36
C VAL B 428 -12.76 -33.92 -6.56
N SER B 429 -13.19 -33.51 -7.75
CA SER B 429 -12.58 -33.99 -9.00
C SER B 429 -11.36 -33.17 -9.39
N ASN B 430 -10.45 -33.81 -10.13
CA ASN B 430 -9.28 -33.13 -10.68
C ASN B 430 -9.65 -31.95 -11.57
N GLU B 431 -10.72 -32.09 -12.35
CA GLU B 431 -11.25 -31.03 -13.19
C GLU B 431 -11.70 -29.81 -12.38
N GLU B 432 -12.36 -30.04 -11.24
CA GLU B 432 -12.81 -28.94 -10.37
C GLU B 432 -11.66 -28.09 -9.83
N ILE B 433 -10.60 -28.76 -9.39
CA ILE B 433 -9.38 -28.11 -8.92
C ILE B 433 -8.59 -27.41 -10.04
N ALA B 434 -8.49 -28.06 -11.19
CA ALA B 434 -7.77 -27.50 -12.34
C ALA B 434 -8.32 -26.12 -12.74
N GLN B 435 -9.55 -25.81 -12.33
CA GLN B 435 -10.18 -24.51 -12.63
C GLN B 435 -9.62 -23.37 -11.78
N PHE B 436 -8.75 -23.69 -10.82
CA PHE B 436 -8.21 -22.70 -9.91
C PHE B 436 -6.69 -22.73 -9.91
N ALA B 437 -6.10 -21.63 -10.34
CA ALA B 437 -4.67 -21.52 -10.56
C ALA B 437 -3.86 -21.66 -9.26
N GLY B 438 -4.47 -21.30 -8.14
CA GLY B 438 -3.82 -21.35 -6.83
C GLY B 438 -2.56 -20.51 -6.78
N TRP B 439 -1.51 -21.06 -6.14
CA TRP B 439 -0.20 -20.41 -6.05
C TRP B 439 0.53 -20.36 -7.39
N1 PLP C . 1.66 9.28 -9.65
C2 PLP C . 1.17 10.57 -9.51
C2A PLP C . 0.94 11.39 -10.74
C3 PLP C . 0.92 11.08 -8.22
O3 PLP C . 0.49 12.24 -8.13
C4 PLP C . 1.14 10.28 -7.09
C4A PLP C . 0.90 10.73 -5.65
C5 PLP C . 1.64 8.98 -7.28
C6 PLP C . 1.89 8.49 -8.55
C5A PLP C . 1.93 8.08 -6.13
O4P PLP C . 0.89 7.79 -5.17
P PLP C . 1.22 7.38 -3.65
O1P PLP C . 2.11 6.21 -3.82
O2P PLP C . 1.88 8.54 -3.02
O3P PLP C . -0.12 7.10 -3.14
N1 PLP D . 5.82 -10.67 5.43
C2 PLP D . 5.07 -11.70 5.99
C2A PLP D . 5.71 -12.65 6.97
C3 PLP D . 3.74 -11.82 5.65
O3 PLP D . 3.08 -12.73 6.17
C4 PLP D . 3.12 -10.94 4.75
C4A PLP D . 1.66 -11.11 4.42
C5 PLP D . 3.90 -9.92 4.17
C6 PLP D . 5.25 -9.80 4.53
C5A PLP D . 3.34 -8.94 3.19
O4P PLP D . 2.17 -8.19 3.56
P PLP D . 1.20 -7.60 2.43
O1P PLP D . 2.03 -6.59 1.73
O2P PLP D . 0.92 -8.80 1.60
O3P PLP D . 0.03 -7.08 3.16
#